data_9OGD
#
_entry.id   9OGD
#
_cell.length_a   1.00
_cell.length_b   1.00
_cell.length_c   1.00
_cell.angle_alpha   90.00
_cell.angle_beta   90.00
_cell.angle_gamma   90.00
#
_symmetry.space_group_name_H-M   'P 1'
#
loop_
_entity.id
_entity.type
_entity.pdbx_description
1 polymer Exportin-1
2 polymer 'Ankyrin repeat and SOCS box protein 8'
3 polymer Elongin-C
4 polymer Elongin-B
5 non-polymer 'selinexor, bound form'
#
loop_
_entity_poly.entity_id
_entity_poly.type
_entity_poly.pdbx_seq_one_letter_code
_entity_poly.pdbx_strand_id
1 'polypeptide(L)'
;GSMPAIMTMLADHAARQLLDFSQKLDINLLDNVVNCLYHGEGAQQRMAQEVLTHLKEHPDAWTRVDTILEFSQNMNTKYY
GLQILENVIKTRWKILPRNQCEGIKKYVVGLIIKTSSDPTCVEKEKVYIGKLNMILVQILKQEWPKHWPTFISDIVGASR
TSESLCQNNMVILKLLSEEVFDFSSGQITQVKSKHLKDSMCNEFSQIFQLCQFVMENSQNAPLVHATLETLLRFLNWIPL
GYIFETKLISTLIYKFLNVPMFRNVSLKCLTEIAGVSVSQYEEQFVTLFTLTMMQLKQMLPLNTNIRLAYSNGKDDEQNF
IQNLSLFLCTFLKEHDQLIEKRLNLRETLMEALHYMLLVSEVEETEIFKICLEYWNHLAAELYRESPFSTSASPLLSGSQ
HFDVPPRRQLYLPMLFKVRLLMVSRMAKPEEVLVVENDQGEVVREFMKDTDSINLYKNMRETLVYLTHLDYVDTERIMTE
KLHNQVNGTEWSWKNLNTLCWAIGSISGAMHEEDEKRFLVTVIKDLLGLCEQKRGKDNKAIIASNIMYIVGQYPRFLRAH
WKFLKTVVNKLFEFMHETHDGVQDMACDTFIKIAQKCRRHFVQVQVGEVMPFIDEILNNINTIICDLQPQQVHTFYEAVG
YMIGAQTDQTVQEHLIEKYMLLPNQVWDSIIQQATKNVDILKDPETVKQLGSILKTNVRACKAVGHPFVIQLGRIYLDML
NVYKCLSENISAAIQANGEMVTKQPLIRSMRTVKRETLKLISGWVSRSNDPQMVAENFVPPLLDAVLIDYQRNVPAAREP
EVLSTMAIIVNKLGGHITAEIPQIFDAVFECTLNMINKDFEEYPEHRTNFFLLLQAVNSHCFPAFLAIPPTQFKLVLDSI
IWAFKHTMRNVADTGLQILFTLLQNVAQEEAAAQSFYQTYFCDILQHIFSVVTDTSHTAGLTMHASILAYMFNLVEEGKI
STSLNPGNPVNNQIFLQEYVANLLKSAFPHLQDAQVKLFVTGLFSLNQDIPAFKEHLRDFLVQIKEFAGEDTSDLFLEER
EIALRQADEEKHKRQMSVPGIFNPHEIPEEMCD
;
A
2 'polypeptide(L)'
;GSSLSERLIRTIAAIRSFPHDNVEDLIRGGADVNCTHGTLKPLHCACMVSDADCVELLLEKGAEVNALDGYNRTALHYAA
EKDEACVEVLLEYGANPNALDGNRDTPLHWAAFKNNAECVRALLESGASVNALDYNNDTPLSWAAMKGNLESVSILLDYG
AEVRVINLIGQTPISRLVALLVAGLGTEKEDSCFELLHRAVGHFELRKNGTMPREVARDPQLCEKLTVLCSAPGTLKTLA
RYAVRRSLGLQYLPDAVKGLPLPASLKEYLLLLE
;
B
3 'polypeptide(L)'
;MMYVKLISSDGHEFIVKREHALTSGTIKAMLSGPGQFAENETNEVNFREIPSHVLSKVCMYFTYKVRYTNSSTEIPEFPI
APEIALELLMAANFLDC
;
E
4 'polypeptide(L)'
;MDVFLMIRRHKTTIFTDAKESSTVFELKRIVEGILKRPPDEQRLYKDDQLLDDGKTLGECGFTSQTARPQAPATVGLAFR
ADDTFEALCIEPFSSPPELPDVMKPQDSGSSANEQAVQ
;
F
#
loop_
_chem_comp.id
_chem_comp.type
_chem_comp.name
_chem_comp.formula
V6A non-polymer 'selinexor, bound form' 'C17 H13 F6 N7 O'
#
# COMPACT_ATOMS: atom_id res chain seq x y z
N ALA A 221 19.37 29.15 -51.30
CA ALA A 221 18.64 28.51 -50.22
C ALA A 221 19.39 28.60 -48.89
N PRO A 222 20.71 28.37 -48.90
CA PRO A 222 21.46 28.52 -47.64
C PRO A 222 21.31 29.90 -47.03
N LEU A 223 21.29 30.95 -47.86
CA LEU A 223 21.09 32.29 -47.35
C LEU A 223 19.73 32.43 -46.69
N VAL A 224 18.70 31.85 -47.30
CA VAL A 224 17.36 31.90 -46.72
C VAL A 224 17.34 31.18 -45.38
N HIS A 225 17.99 30.01 -45.31
CA HIS A 225 18.02 29.26 -44.06
C HIS A 225 18.74 30.04 -42.96
N ALA A 226 19.87 30.66 -43.31
CA ALA A 226 20.60 31.46 -42.33
C ALA A 226 19.77 32.65 -41.86
N THR A 227 19.07 33.31 -42.78
CA THR A 227 18.23 34.44 -42.42
C THR A 227 17.11 33.99 -41.47
N LEU A 228 16.49 32.86 -41.78
CA LEU A 228 15.42 32.35 -40.91
C LEU A 228 15.96 32.02 -39.53
N GLU A 229 17.14 31.40 -39.46
CA GLU A 229 17.73 31.09 -38.16
C GLU A 229 18.02 32.36 -37.38
N THR A 230 18.57 33.38 -38.05
CA THR A 230 18.84 34.65 -37.37
C THR A 230 17.56 35.28 -36.86
N LEU A 231 16.51 35.26 -37.68
CA LEU A 231 15.22 35.80 -37.24
C LEU A 231 14.71 35.07 -36.02
N LEU A 232 14.79 33.73 -36.04
CA LEU A 232 14.37 32.95 -34.88
C LEU A 232 15.16 33.35 -33.64
N ARG A 233 16.47 33.54 -33.80
CA ARG A 233 17.30 33.93 -32.67
C ARG A 233 16.87 35.30 -32.13
N PHE A 234 16.56 36.24 -33.02
CA PHE A 234 16.22 37.60 -32.63
C PHE A 234 14.72 37.84 -32.55
N LEU A 235 13.90 36.82 -32.75
CA LEU A 235 12.45 37.03 -32.75
C LEU A 235 11.96 37.47 -31.38
N ASN A 236 12.60 36.98 -30.31
CA ASN A 236 12.13 37.29 -28.96
C ASN A 236 12.20 38.78 -28.69
N TRP A 237 13.29 39.43 -29.11
CA TRP A 237 13.51 40.84 -28.79
C TRP A 237 12.88 41.80 -29.78
N ILE A 238 12.50 41.33 -30.96
CA ILE A 238 11.91 42.25 -31.95
C ILE A 238 10.59 42.78 -31.40
N PRO A 239 10.28 44.07 -31.56
CA PRO A 239 8.99 44.57 -31.08
C PRO A 239 7.83 43.85 -31.75
N LEU A 240 6.75 43.65 -30.98
CA LEU A 240 5.60 42.92 -31.48
C LEU A 240 4.97 43.60 -32.69
N GLY A 241 5.22 44.90 -32.89
CA GLY A 241 4.66 45.58 -34.04
C GLY A 241 5.18 45.01 -35.34
N TYR A 242 6.49 44.80 -35.44
CA TYR A 242 7.07 44.24 -36.64
C TYR A 242 6.67 42.78 -36.88
N ILE A 243 6.13 42.12 -35.85
CA ILE A 243 5.77 40.71 -35.95
C ILE A 243 4.32 40.56 -36.36
N PHE A 244 3.42 41.10 -35.54
CA PHE A 244 1.99 40.85 -35.72
C PHE A 244 1.30 41.83 -36.67
N GLU A 245 1.99 42.87 -37.12
CA GLU A 245 1.40 43.84 -38.03
C GLU A 245 1.79 43.62 -39.49
N THR A 246 2.94 43.00 -39.73
CA THR A 246 3.42 42.78 -41.08
C THR A 246 2.76 41.52 -41.67
N LYS A 247 3.24 41.07 -42.83
CA LYS A 247 2.73 39.88 -43.48
C LYS A 247 3.52 38.63 -43.12
N LEU A 248 4.39 38.70 -42.11
CA LEU A 248 5.21 37.56 -41.75
C LEU A 248 4.35 36.37 -41.31
N ILE A 249 3.29 36.64 -40.53
CA ILE A 249 2.52 35.56 -39.94
C ILE A 249 1.91 34.67 -41.01
N SER A 250 1.84 35.15 -42.24
CA SER A 250 1.38 34.35 -43.38
C SER A 250 2.49 34.00 -44.35
N THR A 251 3.51 34.86 -44.46
CA THR A 251 4.63 34.56 -45.35
C THR A 251 5.35 33.30 -44.90
N LEU A 252 5.61 33.17 -43.60
CA LEU A 252 6.36 32.02 -43.11
C LEU A 252 5.69 30.71 -43.50
N ILE A 253 4.35 30.68 -43.49
CA ILE A 253 3.62 29.44 -43.72
C ILE A 253 3.35 29.21 -45.20
N TYR A 254 3.06 30.26 -45.96
CA TYR A 254 2.75 30.09 -47.37
C TYR A 254 3.97 30.17 -48.28
N LYS A 255 5.16 30.40 -47.73
CA LYS A 255 6.36 30.51 -48.54
C LYS A 255 7.47 29.55 -48.13
N PHE A 256 7.52 29.13 -46.87
CA PHE A 256 8.60 28.26 -46.40
C PHE A 256 8.10 26.98 -45.76
N LEU A 257 7.03 27.02 -44.96
CA LEU A 257 6.62 25.83 -44.22
C LEU A 257 6.28 24.68 -45.15
N ASN A 258 5.83 24.97 -46.37
CA ASN A 258 5.56 23.91 -47.32
C ASN A 258 6.84 23.25 -47.81
N VAL A 259 7.96 23.98 -47.81
CA VAL A 259 9.22 23.49 -48.33
C VAL A 259 9.92 22.74 -47.19
N PRO A 260 10.16 21.44 -47.31
CA PRO A 260 10.88 20.73 -46.24
C PRO A 260 12.18 21.39 -45.81
N MET A 261 12.95 21.93 -46.76
CA MET A 261 14.25 22.49 -46.43
C MET A 261 14.16 23.50 -45.30
N PHE A 262 13.17 24.39 -45.36
CA PHE A 262 12.96 25.40 -44.33
C PHE A 262 11.78 25.06 -43.43
N ARG A 263 11.27 23.83 -43.49
CA ARG A 263 10.10 23.44 -42.71
C ARG A 263 10.36 23.58 -41.22
N ASN A 264 11.27 22.75 -40.70
CA ASN A 264 11.47 22.67 -39.25
C ASN A 264 11.64 24.06 -38.64
N VAL A 265 12.67 24.78 -39.06
CA VAL A 265 12.94 26.09 -38.47
C VAL A 265 11.70 26.98 -38.58
N SER A 266 11.07 26.97 -39.75
CA SER A 266 9.87 27.78 -39.93
C SER A 266 8.85 27.45 -38.85
N LEU A 267 8.53 26.16 -38.69
CA LEU A 267 7.59 25.78 -37.65
C LEU A 267 8.07 26.27 -36.30
N LYS A 268 9.36 26.08 -36.01
CA LYS A 268 9.90 26.56 -34.74
C LYS A 268 9.64 28.05 -34.58
N CYS A 269 9.86 28.84 -35.64
CA CYS A 269 9.58 30.26 -35.55
C CYS A 269 8.15 30.49 -35.08
N LEU A 270 7.19 29.80 -35.68
CA LEU A 270 5.79 29.97 -35.29
C LEU A 270 5.63 29.69 -33.81
N THR A 271 6.27 28.63 -33.30
CA THR A 271 6.16 28.32 -31.88
C THR A 271 6.54 29.54 -31.05
N GLU A 272 7.65 30.19 -31.38
CA GLU A 272 8.07 31.36 -30.63
C GLU A 272 6.97 32.42 -30.62
N ILE A 273 6.35 32.66 -31.78
CA ILE A 273 5.26 33.63 -31.83
C ILE A 273 4.14 33.21 -30.88
N ALA A 274 3.79 31.92 -30.89
CA ALA A 274 2.73 31.44 -30.02
C ALA A 274 3.07 31.69 -28.56
N GLY A 275 4.34 31.83 -28.21
CA GLY A 275 4.75 32.07 -26.86
C GLY A 275 4.76 33.53 -26.42
N VAL A 276 4.39 34.45 -27.31
CA VAL A 276 4.45 35.87 -26.95
C VAL A 276 3.50 36.17 -25.80
N SER A 277 2.27 35.64 -25.87
CA SER A 277 1.27 35.84 -24.82
C SER A 277 0.91 37.32 -24.66
N VAL A 278 0.51 37.93 -25.78
CA VAL A 278 0.11 39.34 -25.78
C VAL A 278 -1.41 39.42 -25.60
N SER A 279 -1.85 40.44 -24.85
CA SER A 279 -3.26 40.59 -24.57
C SER A 279 -4.07 40.85 -25.84
N GLN A 280 -3.57 41.72 -26.71
CA GLN A 280 -4.27 42.11 -27.92
C GLN A 280 -3.94 41.12 -29.04
N TYR A 281 -4.34 41.48 -30.28
CA TYR A 281 -3.96 40.72 -31.46
C TYR A 281 -4.64 39.36 -31.50
N GLU A 282 -5.88 39.29 -31.01
CA GLU A 282 -6.60 38.03 -30.95
C GLU A 282 -6.81 37.46 -32.35
N GLU A 283 -7.21 38.31 -33.31
CA GLU A 283 -7.46 37.83 -34.66
C GLU A 283 -6.20 37.27 -35.28
N GLN A 284 -5.04 37.89 -35.01
CA GLN A 284 -3.79 37.37 -35.54
C GLN A 284 -3.54 35.96 -35.02
N PHE A 285 -3.76 35.74 -33.72
CA PHE A 285 -3.54 34.41 -33.15
C PHE A 285 -4.51 33.40 -33.75
N VAL A 286 -5.77 33.78 -33.91
CA VAL A 286 -6.75 32.85 -34.46
C VAL A 286 -6.39 32.47 -35.89
N THR A 287 -6.02 33.47 -36.70
CA THR A 287 -5.63 33.19 -38.07
C THR A 287 -4.39 32.30 -38.12
N LEU A 288 -3.41 32.58 -37.27
CA LEU A 288 -2.22 31.75 -37.21
C LEU A 288 -2.59 30.30 -36.91
N PHE A 289 -3.42 30.09 -35.89
CA PHE A 289 -3.81 28.73 -35.53
C PHE A 289 -4.50 28.05 -36.68
N THR A 290 -5.48 28.71 -37.29
CA THR A 290 -6.26 28.08 -38.36
C THR A 290 -5.37 27.72 -39.54
N LEU A 291 -4.60 28.69 -40.04
CA LEU A 291 -3.79 28.42 -41.23
C LEU A 291 -2.74 27.36 -40.93
N THR A 292 -2.12 27.40 -39.75
CA THR A 292 -1.11 26.40 -39.41
C THR A 292 -1.75 25.02 -39.32
N MET A 293 -2.94 24.91 -38.74
CA MET A 293 -3.59 23.62 -38.64
C MET A 293 -3.93 23.06 -40.01
N MET A 294 -4.45 23.90 -40.90
CA MET A 294 -4.72 23.44 -42.26
C MET A 294 -3.44 23.01 -42.97
N GLN A 295 -2.36 23.78 -42.80
CA GLN A 295 -1.10 23.41 -43.44
C GLN A 295 -0.62 22.06 -42.93
N LEU A 296 -0.61 21.87 -41.61
CA LEU A 296 -0.15 20.60 -41.05
C LEU A 296 -1.03 19.45 -41.52
N LYS A 297 -2.35 19.65 -41.55
CA LYS A 297 -3.24 18.64 -42.11
C LYS A 297 -2.83 18.29 -43.54
N GLN A 298 -2.45 19.30 -44.32
CA GLN A 298 -2.03 19.04 -45.69
C GLN A 298 -0.76 18.20 -45.73
N MET A 299 0.22 18.53 -44.89
CA MET A 299 1.52 17.85 -44.95
C MET A 299 1.62 16.66 -44.00
N LEU A 300 0.59 16.39 -43.21
CA LEU A 300 0.63 15.28 -42.27
C LEU A 300 -0.79 14.88 -41.88
N PRO A 301 -1.47 14.06 -42.67
CA PRO A 301 -2.86 13.74 -42.38
C PRO A 301 -3.01 13.02 -41.05
N LEU A 302 -4.16 13.22 -40.41
CA LEU A 302 -4.41 12.66 -39.09
C LEU A 302 -4.54 11.15 -39.10
N ASN A 303 -4.65 10.52 -40.27
CA ASN A 303 -4.76 9.07 -40.34
C ASN A 303 -3.41 8.38 -40.17
N THR A 304 -2.30 9.10 -40.22
CA THR A 304 -0.99 8.49 -40.12
C THR A 304 -0.74 7.97 -38.72
N ASN A 305 0.11 6.95 -38.63
CA ASN A 305 0.56 6.41 -37.35
C ASN A 305 1.85 7.14 -36.97
N ILE A 306 1.74 8.12 -36.08
CA ILE A 306 2.89 8.94 -35.74
C ILE A 306 3.96 8.12 -35.03
N ARG A 307 3.56 7.14 -34.22
CA ARG A 307 4.54 6.32 -33.52
C ARG A 307 5.48 5.63 -34.51
N LEU A 308 4.93 4.93 -35.49
CA LEU A 308 5.76 4.24 -36.47
C LEU A 308 6.58 5.22 -37.30
N ALA A 309 5.97 6.34 -37.69
CA ALA A 309 6.70 7.32 -38.50
C ALA A 309 7.92 7.85 -37.74
N TYR A 310 7.74 8.15 -36.45
CA TYR A 310 8.88 8.58 -35.64
C TYR A 310 9.90 7.47 -35.49
N SER A 311 9.44 6.24 -35.27
CA SER A 311 10.36 5.14 -35.03
C SER A 311 11.25 4.88 -36.25
N ASN A 312 10.64 4.71 -37.41
CA ASN A 312 11.39 4.42 -38.64
C ASN A 312 11.70 5.66 -39.47
N GLY A 313 11.31 6.84 -39.00
CA GLY A 313 11.56 8.05 -39.76
C GLY A 313 13.00 8.52 -39.64
N LYS A 314 13.40 9.34 -40.62
CA LYS A 314 14.72 9.93 -40.60
C LYS A 314 14.81 11.03 -39.54
N ASP A 315 15.97 11.68 -39.47
CA ASP A 315 16.13 12.76 -38.50
C ASP A 315 15.18 13.91 -38.79
N ASP A 316 14.99 14.24 -40.07
CA ASP A 316 14.14 15.36 -40.42
C ASP A 316 12.70 15.13 -39.95
N GLU A 317 12.18 13.93 -40.18
CA GLU A 317 10.80 13.65 -39.77
C GLU A 317 10.66 13.66 -38.26
N GLN A 318 11.63 13.11 -37.54
CA GLN A 318 11.58 13.13 -36.08
C GLN A 318 11.60 14.55 -35.56
N ASN A 319 12.47 15.40 -36.12
CA ASN A 319 12.53 16.79 -35.71
C ASN A 319 11.21 17.50 -36.03
N PHE A 320 10.61 17.20 -37.18
CA PHE A 320 9.34 17.81 -37.53
C PHE A 320 8.26 17.41 -36.54
N ILE A 321 8.23 16.14 -36.15
CA ILE A 321 7.23 15.69 -35.18
C ILE A 321 7.44 16.39 -33.84
N GLN A 322 8.69 16.50 -33.40
CA GLN A 322 8.97 17.19 -32.15
C GLN A 322 8.53 18.65 -32.21
N ASN A 323 8.83 19.32 -33.33
CA ASN A 323 8.44 20.73 -33.46
C ASN A 323 6.93 20.87 -33.51
N LEU A 324 6.25 19.95 -34.17
CA LEU A 324 4.79 19.99 -34.20
C LEU A 324 4.22 19.86 -32.79
N SER A 325 4.75 18.91 -32.02
CA SER A 325 4.28 18.75 -30.65
C SER A 325 4.54 20.00 -29.83
N LEU A 326 5.75 20.57 -29.97
CA LEU A 326 6.08 21.77 -29.21
C LEU A 326 5.14 22.93 -29.57
N PHE A 327 4.91 23.15 -30.86
CA PHE A 327 4.04 24.22 -31.28
C PHE A 327 2.63 24.04 -30.74
N LEU A 328 2.07 22.84 -30.92
CA LEU A 328 0.71 22.59 -30.45
C LEU A 328 0.62 22.81 -28.94
N CYS A 329 1.56 22.23 -28.19
CA CYS A 329 1.52 22.36 -26.74
C CYS A 329 1.61 23.82 -26.32
N THR A 330 2.58 24.56 -26.85
CA THR A 330 2.75 25.95 -26.44
C THR A 330 1.55 26.79 -26.79
N PHE A 331 1.07 26.69 -28.04
CA PHE A 331 -0.03 27.54 -28.46
C PHE A 331 -1.30 27.22 -27.67
N LEU A 332 -1.59 25.93 -27.46
CA LEU A 332 -2.77 25.58 -26.68
C LEU A 332 -2.62 26.09 -25.24
N LYS A 333 -1.49 25.78 -24.61
CA LYS A 333 -1.25 26.24 -23.24
C LYS A 333 -1.39 27.74 -23.11
N GLU A 334 -1.12 28.48 -24.19
CA GLU A 334 -1.19 29.94 -24.14
C GLU A 334 -2.59 30.49 -24.44
N HIS A 335 -3.28 29.95 -25.44
CA HIS A 335 -4.50 30.56 -25.95
C HIS A 335 -5.60 29.53 -26.17
N ASP A 336 -5.71 28.55 -25.29
CA ASP A 336 -6.81 27.60 -25.40
C ASP A 336 -8.15 28.31 -25.23
N GLN A 337 -8.23 29.22 -24.26
CA GLN A 337 -9.47 29.97 -24.07
C GLN A 337 -9.78 30.82 -25.28
N LEU A 338 -8.75 31.44 -25.87
CA LEU A 338 -8.96 32.25 -27.07
C LEU A 338 -9.51 31.40 -28.21
N ILE A 339 -8.94 30.22 -28.42
CA ILE A 339 -9.34 29.39 -29.55
C ILE A 339 -10.73 28.81 -29.34
N GLU A 340 -11.03 28.39 -28.11
CA GLU A 340 -12.23 27.59 -27.87
C GLU A 340 -13.50 28.43 -27.71
N LYS A 341 -13.40 29.75 -27.66
CA LYS A 341 -14.58 30.60 -27.61
C LYS A 341 -15.16 30.89 -28.98
N ARG A 342 -14.52 30.41 -30.05
CA ARG A 342 -15.04 30.54 -31.41
C ARG A 342 -15.81 29.27 -31.75
N LEU A 343 -17.11 29.40 -32.00
CA LEU A 343 -17.91 28.22 -32.31
C LEU A 343 -17.56 27.64 -33.67
N ASN A 344 -17.01 28.46 -34.58
CA ASN A 344 -16.72 27.97 -35.93
C ASN A 344 -15.48 27.08 -35.95
N LEU A 345 -14.54 27.30 -35.06
CA LEU A 345 -13.28 26.54 -35.05
C LEU A 345 -13.33 25.33 -34.13
N ARG A 346 -14.47 25.05 -33.50
CA ARG A 346 -14.53 23.97 -32.52
C ARG A 346 -13.95 22.68 -33.10
N GLU A 347 -14.43 22.27 -34.28
CA GLU A 347 -13.93 21.05 -34.88
C GLU A 347 -12.41 21.07 -34.96
N THR A 348 -11.84 22.15 -35.53
CA THR A 348 -10.39 22.23 -35.65
C THR A 348 -9.73 22.04 -34.30
N LEU A 349 -10.27 22.66 -33.25
CA LEU A 349 -9.71 22.48 -31.92
C LEU A 349 -9.60 21.00 -31.58
N MET A 350 -10.70 20.27 -31.75
CA MET A 350 -10.67 18.83 -31.48
C MET A 350 -9.60 18.18 -32.34
N GLU A 351 -9.52 18.55 -33.62
CA GLU A 351 -8.46 18.03 -34.48
C GLU A 351 -7.11 18.21 -33.82
N ALA A 352 -6.83 19.43 -33.34
CA ALA A 352 -5.56 19.67 -32.66
C ALA A 352 -5.37 18.68 -31.52
N LEU A 353 -6.40 18.54 -30.68
CA LEU A 353 -6.30 17.59 -29.57
C LEU A 353 -5.97 16.20 -30.09
N HIS A 354 -6.60 15.79 -31.19
CA HIS A 354 -6.30 14.49 -31.76
C HIS A 354 -4.80 14.35 -31.99
N TYR A 355 -4.20 15.36 -32.62
CA TYR A 355 -2.76 15.31 -32.85
C TYR A 355 -2.02 15.11 -31.53
N MET A 356 -2.39 15.88 -30.50
CA MET A 356 -1.71 15.76 -29.23
C MET A 356 -1.85 14.36 -28.65
N LEU A 357 -2.98 13.69 -28.92
CA LEU A 357 -3.10 12.30 -28.54
C LEU A 357 -2.17 11.42 -29.38
N LEU A 358 -2.21 11.62 -30.70
CA LEU A 358 -1.41 10.79 -31.60
C LEU A 358 0.07 10.89 -31.24
N VAL A 359 0.59 12.11 -31.14
CA VAL A 359 2.00 12.30 -30.80
C VAL A 359 2.30 11.71 -29.43
N SER A 360 1.31 11.65 -28.54
CA SER A 360 1.55 11.11 -27.22
C SER A 360 1.84 9.61 -27.24
N GLU A 361 1.61 8.94 -28.38
CA GLU A 361 1.96 7.53 -28.50
C GLU A 361 3.44 7.29 -28.74
N VAL A 362 4.21 8.34 -29.04
CA VAL A 362 5.64 8.17 -29.27
C VAL A 362 6.31 7.74 -27.98
N GLU A 363 7.22 6.77 -28.08
CA GLU A 363 7.87 6.20 -26.91
C GLU A 363 9.03 7.04 -26.39
N GLU A 364 9.53 7.99 -27.17
CA GLU A 364 10.65 8.80 -26.73
C GLU A 364 10.27 9.62 -25.50
N THR A 365 11.27 9.89 -24.65
CA THR A 365 11.00 10.55 -23.38
C THR A 365 10.69 12.03 -23.56
N GLU A 366 11.41 12.71 -24.47
CA GLU A 366 11.22 14.15 -24.62
C GLU A 366 9.86 14.47 -25.20
N ILE A 367 9.45 13.75 -26.24
CA ILE A 367 8.14 14.01 -26.85
C ILE A 367 7.04 13.77 -25.84
N PHE A 368 7.13 12.66 -25.10
CA PHE A 368 6.10 12.39 -24.10
C PHE A 368 6.11 13.41 -22.98
N LYS A 369 7.28 13.92 -22.60
CA LYS A 369 7.32 14.99 -21.60
C LYS A 369 6.62 16.23 -22.11
N ILE A 370 6.85 16.59 -23.37
CA ILE A 370 6.19 17.75 -23.95
C ILE A 370 4.68 17.56 -23.94
N CYS A 371 4.22 16.37 -24.35
CA CYS A 371 2.78 16.11 -24.35
C CYS A 371 2.20 16.13 -22.94
N LEU A 372 2.93 15.55 -21.99
CA LEU A 372 2.45 15.48 -20.62
C LEU A 372 2.35 16.87 -20.00
N GLU A 373 3.23 17.79 -20.40
CA GLU A 373 3.10 19.16 -19.92
C GLU A 373 1.73 19.73 -20.24
N TYR A 374 1.32 19.63 -21.51
CA TYR A 374 0.02 20.14 -21.90
C TYR A 374 -1.11 19.37 -21.22
N TRP A 375 -0.98 18.04 -21.13
CA TRP A 375 -2.05 17.27 -20.50
C TRP A 375 -2.23 17.68 -19.05
N ASN A 376 -1.13 17.87 -18.33
CA ASN A 376 -1.22 18.32 -16.95
C ASN A 376 -1.84 19.70 -16.86
N HIS A 377 -1.44 20.61 -17.75
CA HIS A 377 -2.03 21.95 -17.73
C HIS A 377 -3.54 21.88 -17.94
N LEU A 378 -3.97 21.10 -18.93
CA LEU A 378 -5.39 21.00 -19.24
C LEU A 378 -6.16 20.38 -18.07
N ALA A 379 -5.63 19.32 -17.47
CA ALA A 379 -6.30 18.69 -16.35
C ALA A 379 -6.43 19.65 -15.18
N ALA A 380 -5.36 20.38 -14.87
CA ALA A 380 -5.42 21.35 -13.78
C ALA A 380 -6.42 22.44 -14.07
N GLU A 381 -6.44 22.96 -15.30
CA GLU A 381 -7.38 24.00 -15.65
C GLU A 381 -8.82 23.51 -15.51
N LEU A 382 -9.11 22.31 -16.01
CA LEU A 382 -10.48 21.79 -15.94
C LEU A 382 -10.89 21.54 -14.50
N TYR A 383 -9.99 20.99 -13.68
CA TYR A 383 -10.32 20.74 -12.28
C TYR A 383 -10.55 22.05 -11.53
N ARG A 384 -9.75 23.07 -11.83
CA ARG A 384 -9.81 24.30 -11.05
C ARG A 384 -11.18 24.96 -11.14
N GLU A 385 -11.77 24.99 -12.33
CA GLU A 385 -13.05 25.67 -12.50
C GLU A 385 -14.17 24.98 -11.72
N SER A 386 -14.00 23.72 -11.34
CA SER A 386 -15.00 23.02 -10.55
C SER A 386 -14.42 21.74 -9.95
N PRO A 406 -20.25 23.50 -18.28
CA PRO A 406 -19.11 24.41 -18.16
C PRO A 406 -18.16 24.28 -19.34
N ARG A 407 -16.91 24.70 -19.16
CA ARG A 407 -15.90 24.48 -20.19
C ARG A 407 -15.53 23.02 -20.31
N ARG A 408 -15.73 22.24 -19.23
CA ARG A 408 -15.44 20.81 -19.29
C ARG A 408 -16.23 20.14 -20.41
N GLN A 409 -17.47 20.57 -20.62
CA GLN A 409 -18.29 19.97 -21.66
C GLN A 409 -17.61 20.06 -23.02
N LEU A 410 -16.73 21.05 -23.21
CA LEU A 410 -16.00 21.15 -24.46
C LEU A 410 -15.03 20.00 -24.64
N TYR A 411 -14.30 19.64 -23.58
CA TYR A 411 -13.30 18.58 -23.65
C TYR A 411 -13.83 17.23 -23.19
N LEU A 412 -15.09 17.16 -22.78
CA LEU A 412 -15.61 15.92 -22.19
C LEU A 412 -15.46 14.71 -23.11
N PRO A 413 -15.82 14.78 -24.39
CA PRO A 413 -15.84 13.55 -25.21
C PRO A 413 -14.48 12.95 -25.51
N MET A 414 -13.38 13.57 -25.05
CA MET A 414 -12.04 13.05 -25.32
C MET A 414 -11.22 12.78 -24.07
N LEU A 415 -11.59 13.33 -22.91
CA LEU A 415 -10.78 13.15 -21.72
C LEU A 415 -10.55 11.67 -21.42
N PHE A 416 -11.52 10.82 -21.76
CA PHE A 416 -11.36 9.39 -21.53
C PHE A 416 -10.04 8.91 -22.12
N LYS A 417 -9.76 9.29 -23.37
CA LYS A 417 -8.52 8.88 -24.00
C LYS A 417 -7.33 9.22 -23.11
N VAL A 418 -7.27 10.47 -22.63
CA VAL A 418 -6.16 10.88 -21.80
C VAL A 418 -6.03 9.95 -20.60
N ARG A 419 -7.15 9.66 -19.95
CA ARG A 419 -7.11 8.76 -18.80
C ARG A 419 -6.42 7.46 -19.18
N LEU A 420 -6.86 6.84 -20.28
CA LEU A 420 -6.22 5.61 -20.72
C LEU A 420 -4.72 5.81 -20.82
N LEU A 421 -4.30 6.87 -21.51
CA LEU A 421 -2.88 7.13 -21.66
C LEU A 421 -2.19 7.16 -20.31
N MET A 422 -2.77 7.90 -19.35
CA MET A 422 -2.14 8.02 -18.05
C MET A 422 -2.02 6.66 -17.39
N VAL A 423 -3.05 5.82 -17.51
CA VAL A 423 -2.99 4.49 -16.93
C VAL A 423 -2.04 3.61 -17.74
N SER A 424 -1.99 3.83 -19.06
CA SER A 424 -1.21 2.94 -19.92
C SER A 424 0.29 3.22 -19.83
N ARG A 425 0.67 4.49 -19.64
CA ARG A 425 2.08 4.89 -19.66
C ARG A 425 2.57 5.32 -18.29
N MET A 426 1.94 4.86 -17.22
CA MET A 426 2.31 5.32 -15.88
C MET A 426 3.78 5.06 -15.60
N ALA A 427 4.44 6.06 -15.01
CA ALA A 427 5.86 5.95 -14.69
C ALA A 427 6.05 5.17 -13.40
N LYS A 428 7.28 4.71 -13.20
CA LYS A 428 7.60 3.89 -12.04
C LYS A 428 7.74 4.77 -10.80
N PRO A 429 6.94 4.56 -9.75
CA PRO A 429 7.10 5.34 -8.53
C PRO A 429 8.42 5.03 -7.84
N GLU A 430 8.90 5.99 -7.06
CA GLU A 430 10.10 5.80 -6.26
C GLU A 430 9.78 5.14 -4.93
N GLU A 431 9.03 4.03 -4.99
CA GLU A 431 8.66 3.27 -3.81
C GLU A 431 8.68 1.77 -4.03
N VAL A 432 9.09 1.29 -5.20
CA VAL A 432 9.04 -0.13 -5.51
C VAL A 432 10.36 -0.59 -6.10
N THR A 450 15.19 13.98 -9.78
CA THR A 450 15.74 13.94 -11.13
C THR A 450 14.62 13.89 -12.16
N ASP A 451 14.99 13.51 -13.40
CA ASP A 451 14.00 13.47 -14.47
C ASP A 451 12.91 12.45 -14.19
N SER A 452 13.27 11.27 -13.70
CA SER A 452 12.29 10.23 -13.45
C SER A 452 11.30 10.66 -12.35
N ILE A 453 11.81 11.27 -11.29
CA ILE A 453 10.93 11.71 -10.22
C ILE A 453 9.96 12.76 -10.71
N ASN A 454 10.45 13.72 -11.51
CA ASN A 454 9.57 14.75 -12.05
C ASN A 454 8.52 14.14 -12.97
N LEU A 455 8.92 13.18 -13.81
CA LEU A 455 7.97 12.53 -14.70
C LEU A 455 6.88 11.83 -13.90
N TYR A 456 7.27 11.08 -12.87
CA TYR A 456 6.27 10.38 -12.06
C TYR A 456 5.35 11.37 -11.37
N LYS A 457 5.90 12.46 -10.83
CA LYS A 457 5.07 13.44 -10.14
C LYS A 457 4.07 14.08 -11.09
N ASN A 458 4.51 14.44 -12.30
CA ASN A 458 3.60 15.04 -13.26
C ASN A 458 2.51 14.06 -13.67
N MET A 459 2.88 12.80 -13.93
CA MET A 459 1.88 11.81 -14.30
C MET A 459 0.87 11.60 -13.18
N ARG A 460 1.35 11.52 -11.94
CA ARG A 460 0.45 11.32 -10.80
C ARG A 460 -0.49 12.51 -10.66
N GLU A 461 0.03 13.73 -10.79
CA GLU A 461 -0.81 14.91 -10.67
C GLU A 461 -1.89 14.93 -11.75
N THR A 462 -1.51 14.64 -12.99
CA THR A 462 -2.48 14.62 -14.08
C THR A 462 -3.54 13.57 -13.84
N LEU A 463 -3.14 12.36 -13.43
CA LEU A 463 -4.09 11.29 -13.21
C LEU A 463 -5.01 11.61 -12.03
N VAL A 464 -4.47 12.24 -10.98
CA VAL A 464 -5.30 12.61 -9.83
C VAL A 464 -6.34 13.63 -10.25
N TYR A 465 -5.94 14.64 -11.03
CA TYR A 465 -6.91 15.62 -11.52
C TYR A 465 -7.99 14.93 -12.35
N LEU A 466 -7.57 14.03 -13.25
CA LEU A 466 -8.53 13.37 -14.13
C LEU A 466 -9.52 12.52 -13.33
N THR A 467 -9.04 11.77 -12.34
CA THR A 467 -9.96 10.98 -11.52
C THR A 467 -10.89 11.89 -10.72
N HIS A 468 -10.39 13.02 -10.24
CA HIS A 468 -11.27 13.98 -9.58
C HIS A 468 -12.35 14.46 -10.54
N LEU A 469 -12.04 14.55 -11.83
CA LEU A 469 -13.05 14.94 -12.81
C LEU A 469 -14.09 13.84 -13.02
N ASP A 470 -13.70 12.57 -12.88
CA ASP A 470 -14.63 11.46 -13.09
C ASP A 470 -14.11 10.23 -12.35
N TYR A 471 -14.77 9.88 -11.24
CA TYR A 471 -14.36 8.69 -10.48
C TYR A 471 -14.79 7.41 -11.19
N VAL A 472 -16.01 7.40 -11.73
CA VAL A 472 -16.56 6.18 -12.30
C VAL A 472 -15.74 5.73 -13.50
N ASP A 473 -15.35 6.67 -14.37
CA ASP A 473 -14.57 6.32 -15.54
C ASP A 473 -13.22 5.74 -15.14
N THR A 474 -12.55 6.34 -14.15
CA THR A 474 -11.26 5.83 -13.72
C THR A 474 -11.40 4.42 -13.15
N GLU A 475 -12.42 4.22 -12.31
CA GLU A 475 -12.63 2.88 -11.75
C GLU A 475 -12.89 1.87 -12.85
N ARG A 476 -13.72 2.23 -13.82
CA ARG A 476 -14.02 1.32 -14.93
C ARG A 476 -12.76 0.98 -15.71
N ILE A 477 -11.95 1.99 -16.03
CA ILE A 477 -10.73 1.75 -16.81
C ILE A 477 -9.81 0.80 -16.07
N MET A 478 -9.56 1.08 -14.78
CA MET A 478 -8.62 0.27 -14.02
C MET A 478 -9.13 -1.16 -13.87
N THR A 479 -10.42 -1.32 -13.58
CA THR A 479 -10.97 -2.67 -13.42
C THR A 479 -10.92 -3.44 -14.73
N GLU A 480 -11.24 -2.79 -15.84
CA GLU A 480 -11.18 -3.48 -17.13
C GLU A 480 -9.76 -3.90 -17.46
N LYS A 481 -8.78 -3.04 -17.22
CA LYS A 481 -7.40 -3.41 -17.47
C LYS A 481 -6.97 -4.57 -16.59
N LEU A 482 -7.37 -4.55 -15.31
CA LEU A 482 -7.01 -5.65 -14.42
C LEU A 482 -7.64 -6.95 -14.89
N HIS A 483 -8.89 -6.91 -15.33
CA HIS A 483 -9.52 -8.13 -15.83
C HIS A 483 -8.80 -8.63 -17.08
N ASN A 484 -8.45 -7.71 -17.99
CA ASN A 484 -7.70 -8.12 -19.17
C ASN A 484 -6.41 -8.81 -18.77
N GLN A 485 -5.76 -8.32 -17.71
CA GLN A 485 -4.60 -9.04 -17.18
C GLN A 485 -5.01 -10.44 -16.72
N VAL A 486 -6.17 -10.55 -16.07
CA VAL A 486 -6.59 -11.83 -15.51
C VAL A 486 -6.91 -12.83 -16.61
N ASN A 487 -7.64 -12.40 -17.64
CA ASN A 487 -8.14 -13.31 -18.65
C ASN A 487 -7.10 -13.67 -19.71
N GLY A 488 -5.83 -13.38 -19.47
CA GLY A 488 -4.78 -13.79 -20.39
C GLY A 488 -4.48 -12.78 -21.46
N THR A 489 -5.51 -12.14 -22.00
CA THR A 489 -5.31 -11.11 -23.01
C THR A 489 -4.43 -10.01 -22.46
N GLU A 490 -3.46 -9.58 -23.27
CA GLU A 490 -2.56 -8.49 -22.90
C GLU A 490 -2.00 -8.68 -21.49
N TRP A 491 -1.59 -9.90 -21.18
CA TRP A 491 -0.91 -10.19 -19.92
C TRP A 491 0.59 -10.06 -20.10
N SER A 492 1.25 -9.44 -19.13
CA SER A 492 2.68 -9.26 -19.16
C SER A 492 3.12 -8.67 -17.83
N TRP A 493 4.39 -8.89 -17.49
CA TRP A 493 4.92 -8.34 -16.24
C TRP A 493 4.91 -6.82 -16.26
N LYS A 494 5.34 -6.21 -17.37
CA LYS A 494 5.38 -4.75 -17.44
C LYS A 494 3.98 -4.17 -17.43
N ASN A 495 3.03 -4.80 -18.12
CA ASN A 495 1.65 -4.32 -18.11
C ASN A 495 1.07 -4.36 -16.71
N LEU A 496 1.29 -5.48 -16.00
CA LEU A 496 0.80 -5.58 -14.63
C LEU A 496 1.45 -4.54 -13.74
N ASN A 497 2.76 -4.34 -13.89
CA ASN A 497 3.46 -3.37 -13.06
C ASN A 497 2.93 -1.97 -13.28
N THR A 498 2.75 -1.56 -14.55
CA THR A 498 2.26 -0.22 -14.82
C THR A 498 0.83 -0.04 -14.35
N LEU A 499 -0.01 -1.07 -14.52
CA LEU A 499 -1.38 -0.97 -14.04
C LEU A 499 -1.42 -0.81 -12.53
N CYS A 500 -0.58 -1.58 -11.81
CA CYS A 500 -0.58 -1.48 -10.36
C CYS A 500 0.01 -0.16 -9.89
N TRP A 501 1.01 0.38 -10.59
CA TRP A 501 1.50 1.71 -10.27
C TRP A 501 0.40 2.74 -10.44
N ALA A 502 -0.36 2.64 -11.53
CA ALA A 502 -1.47 3.58 -11.74
C ALA A 502 -2.51 3.47 -10.64
N ILE A 503 -2.84 2.23 -10.23
CA ILE A 503 -3.81 2.05 -9.17
C ILE A 503 -3.29 2.65 -7.86
N GLY A 504 -2.02 2.42 -7.55
CA GLY A 504 -1.47 2.93 -6.30
C GLY A 504 -1.37 4.44 -6.27
N SER A 505 -1.01 5.06 -7.40
CA SER A 505 -0.80 6.50 -7.43
C SER A 505 -2.09 7.28 -7.25
N ILE A 506 -3.25 6.63 -7.30
CA ILE A 506 -4.53 7.31 -7.12
C ILE A 506 -4.92 7.45 -5.66
N SER A 507 -4.19 6.81 -4.75
CA SER A 507 -4.60 6.76 -3.35
C SER A 507 -4.90 8.15 -2.80
N GLY A 508 -6.09 8.29 -2.21
CA GLY A 508 -6.54 9.54 -1.63
C GLY A 508 -7.49 10.33 -2.50
N ALA A 509 -7.57 10.03 -3.80
CA ALA A 509 -8.41 10.82 -4.70
C ALA A 509 -9.87 10.46 -4.56
N MET A 510 -10.18 9.19 -4.30
CA MET A 510 -11.56 8.73 -4.22
C MET A 510 -12.10 8.91 -2.80
N HIS A 511 -13.44 8.93 -2.70
CA HIS A 511 -14.09 8.94 -1.41
C HIS A 511 -13.94 7.58 -0.74
N GLU A 512 -14.23 7.54 0.56
CA GLU A 512 -13.92 6.36 1.35
C GLU A 512 -14.73 5.14 0.89
N GLU A 513 -16.01 5.33 0.59
CA GLU A 513 -16.84 4.18 0.20
C GLU A 513 -16.52 3.71 -1.22
N ASP A 514 -16.33 4.65 -2.15
CA ASP A 514 -15.91 4.28 -3.50
C ASP A 514 -14.55 3.62 -3.47
N GLU A 515 -13.64 4.15 -2.66
CA GLU A 515 -12.34 3.52 -2.49
C GLU A 515 -12.49 2.12 -1.93
N LYS A 516 -13.41 1.93 -0.98
CA LYS A 516 -13.65 0.60 -0.43
C LYS A 516 -14.05 -0.39 -1.52
N ARG A 517 -15.06 -0.02 -2.31
CA ARG A 517 -15.51 -0.90 -3.39
C ARG A 517 -14.38 -1.20 -4.36
N PHE A 518 -13.69 -0.15 -4.82
CA PHE A 518 -12.65 -0.30 -5.82
C PHE A 518 -11.53 -1.20 -5.31
N LEU A 519 -11.10 -0.98 -4.07
CA LEU A 519 -10.01 -1.78 -3.52
C LEU A 519 -10.42 -3.21 -3.30
N VAL A 520 -11.67 -3.45 -2.88
CA VAL A 520 -12.12 -4.83 -2.71
C VAL A 520 -12.07 -5.56 -4.04
N THR A 521 -12.59 -4.93 -5.10
CA THR A 521 -12.57 -5.57 -6.41
C THR A 521 -11.14 -5.82 -6.87
N VAL A 522 -10.26 -4.83 -6.71
CA VAL A 522 -8.88 -4.97 -7.18
C VAL A 522 -8.18 -6.10 -6.43
N ILE A 523 -8.36 -6.15 -5.11
CA ILE A 523 -7.68 -7.18 -4.31
C ILE A 523 -8.19 -8.56 -4.69
N LYS A 524 -9.50 -8.71 -4.88
CA LYS A 524 -10.04 -10.00 -5.29
C LYS A 524 -9.46 -10.42 -6.63
N ASP A 525 -9.40 -9.49 -7.58
CA ASP A 525 -8.85 -9.83 -8.90
C ASP A 525 -7.38 -10.23 -8.79
N LEU A 526 -6.60 -9.51 -7.98
CA LEU A 526 -5.18 -9.83 -7.86
C LEU A 526 -4.97 -11.17 -7.18
N LEU A 527 -5.77 -11.50 -6.17
CA LEU A 527 -5.66 -12.80 -5.54
C LEU A 527 -6.02 -13.92 -6.51
N GLY A 528 -7.07 -13.71 -7.31
CA GLY A 528 -7.41 -14.69 -8.33
C GLY A 528 -6.29 -14.87 -9.33
N LEU A 529 -5.66 -13.77 -9.76
CA LEU A 529 -4.54 -13.86 -10.68
C LEU A 529 -3.38 -14.62 -10.06
N CYS A 530 -3.09 -14.36 -8.79
CA CYS A 530 -2.01 -15.08 -8.13
C CYS A 530 -2.29 -16.57 -8.09
N GLU A 531 -3.53 -16.95 -7.78
CA GLU A 531 -3.87 -18.37 -7.79
C GLU A 531 -3.74 -18.96 -9.19
N GLN A 532 -4.16 -18.21 -10.21
CA GLN A 532 -4.12 -18.72 -11.58
C GLN A 532 -2.69 -18.99 -12.03
N LYS A 533 -1.77 -18.06 -11.75
CA LYS A 533 -0.42 -18.16 -12.27
C LYS A 533 0.40 -19.18 -11.48
N ARG A 534 1.33 -19.81 -12.17
CA ARG A 534 2.22 -20.80 -11.58
C ARG A 534 3.66 -20.42 -11.91
N GLY A 535 4.56 -20.75 -11.00
CA GLY A 535 5.95 -20.40 -11.11
C GLY A 535 6.33 -19.33 -10.10
N LYS A 536 7.57 -19.42 -9.61
CA LYS A 536 8.01 -18.49 -8.57
C LYS A 536 8.08 -17.06 -9.10
N ASP A 537 8.50 -16.88 -10.35
CA ASP A 537 8.65 -15.53 -10.89
C ASP A 537 7.31 -14.81 -10.94
N ASN A 538 6.29 -15.43 -11.53
CA ASN A 538 5.00 -14.79 -11.66
C ASN A 538 4.39 -14.51 -10.30
N LYS A 539 4.45 -15.49 -9.39
CA LYS A 539 3.88 -15.30 -8.07
C LYS A 539 4.60 -14.20 -7.30
N ALA A 540 5.93 -14.13 -7.42
CA ALA A 540 6.67 -13.06 -6.76
C ALA A 540 6.30 -11.70 -7.34
N ILE A 541 6.14 -11.61 -8.65
CA ILE A 541 5.75 -10.34 -9.27
C ILE A 541 4.39 -9.89 -8.74
N ILE A 542 3.43 -10.83 -8.72
CA ILE A 542 2.09 -10.49 -8.26
C ILE A 542 2.12 -10.11 -6.79
N ALA A 543 2.91 -10.82 -5.98
CA ALA A 543 3.02 -10.49 -4.57
C ALA A 543 3.60 -9.11 -4.36
N SER A 544 4.63 -8.75 -5.12
CA SER A 544 5.20 -7.41 -5.00
C SER A 544 4.19 -6.35 -5.39
N ASN A 545 3.41 -6.61 -6.44
CA ASN A 545 2.39 -5.64 -6.85
C ASN A 545 1.33 -5.48 -5.76
N ILE A 546 0.88 -6.57 -5.16
CA ILE A 546 -0.11 -6.49 -4.09
C ILE A 546 0.48 -5.76 -2.89
N MET A 547 1.75 -6.02 -2.59
CA MET A 547 2.41 -5.33 -1.49
C MET A 547 2.45 -3.83 -1.73
N TYR A 548 2.77 -3.41 -2.94
CA TYR A 548 2.76 -1.99 -3.25
C TYR A 548 1.36 -1.42 -3.11
N ILE A 549 0.35 -2.12 -3.60
CA ILE A 549 -1.01 -1.61 -3.54
C ILE A 549 -1.45 -1.41 -2.10
N VAL A 550 -1.22 -2.42 -1.25
CA VAL A 550 -1.65 -2.32 0.14
C VAL A 550 -0.78 -1.35 0.93
N GLY A 551 0.46 -1.15 0.50
CA GLY A 551 1.29 -0.15 1.14
C GLY A 551 0.65 1.22 1.11
N GLN A 552 0.11 1.61 -0.03
CA GLN A 552 -0.77 2.76 -0.10
C GLN A 552 -2.11 2.39 0.50
N TYR A 553 -3.07 3.31 0.44
CA TYR A 553 -4.40 3.12 0.99
C TYR A 553 -4.36 2.65 2.45
N PRO A 554 -3.67 3.38 3.33
CA PRO A 554 -3.76 3.03 4.76
C PRO A 554 -5.16 3.18 5.32
N ARG A 555 -5.99 4.03 4.72
CA ARG A 555 -7.35 4.21 5.21
C ARG A 555 -8.15 2.92 5.12
N PHE A 556 -8.03 2.20 4.00
CA PHE A 556 -8.74 0.93 3.85
C PHE A 556 -8.28 -0.07 4.89
N LEU A 557 -6.97 -0.19 5.11
CA LEU A 557 -6.47 -1.09 6.13
C LEU A 557 -6.99 -0.70 7.50
N ARG A 558 -7.06 0.60 7.77
CA ARG A 558 -7.58 1.07 9.05
C ARG A 558 -9.03 0.67 9.24
N ALA A 559 -9.83 0.74 8.18
CA ALA A 559 -11.25 0.45 8.28
C ALA A 559 -11.56 -1.04 8.34
N HIS A 560 -10.61 -1.90 7.97
CA HIS A 560 -10.84 -3.35 7.90
C HIS A 560 -9.77 -4.05 8.73
N TRP A 561 -10.15 -4.47 9.94
CA TRP A 561 -9.16 -5.05 10.85
C TRP A 561 -8.72 -6.44 10.41
N LYS A 562 -9.67 -7.29 10.03
CA LYS A 562 -9.32 -8.66 9.67
C LYS A 562 -8.41 -8.69 8.45
N PHE A 563 -8.68 -7.85 7.46
CA PHE A 563 -7.81 -7.78 6.30
C PHE A 563 -6.43 -7.28 6.68
N LEU A 564 -6.35 -6.31 7.60
CA LEU A 564 -5.05 -5.83 8.04
C LEU A 564 -4.25 -6.92 8.73
N LYS A 565 -4.91 -7.71 9.59
CA LYS A 565 -4.24 -8.83 10.24
C LYS A 565 -3.76 -9.85 9.23
N THR A 566 -4.60 -10.16 8.25
CA THR A 566 -4.20 -11.10 7.20
C THR A 566 -3.00 -10.59 6.43
N VAL A 567 -3.00 -9.30 6.09
CA VAL A 567 -1.89 -8.72 5.35
C VAL A 567 -0.60 -8.78 6.16
N VAL A 568 -0.69 -8.48 7.46
CA VAL A 568 0.51 -8.52 8.30
C VAL A 568 1.05 -9.94 8.38
N ASN A 569 0.16 -10.93 8.55
CA ASN A 569 0.61 -12.31 8.60
C ASN A 569 1.25 -12.73 7.28
N LYS A 570 0.67 -12.29 6.15
CA LYS A 570 1.26 -12.61 4.86
C LYS A 570 2.63 -11.95 4.70
N LEU A 571 2.79 -10.74 5.22
CA LEU A 571 4.09 -10.09 5.19
C LEU A 571 5.11 -10.87 6.00
N PHE A 572 4.70 -11.38 7.17
CA PHE A 572 5.59 -12.23 7.95
C PHE A 572 5.97 -13.47 7.16
N GLU A 573 5.02 -14.06 6.44
CA GLU A 573 5.33 -15.20 5.60
C GLU A 573 6.35 -14.83 4.53
N PHE A 574 6.14 -13.70 3.85
CA PHE A 574 7.05 -13.27 2.79
C PHE A 574 8.44 -12.98 3.34
N MET A 575 8.53 -12.59 4.62
CA MET A 575 9.83 -12.29 5.19
C MET A 575 10.78 -13.48 5.13
N HIS A 576 10.25 -14.70 5.00
CA HIS A 576 11.09 -15.88 4.86
C HIS A 576 11.42 -16.22 3.42
N GLU A 577 10.79 -15.55 2.45
CA GLU A 577 11.06 -15.86 1.06
C GLU A 577 12.50 -15.55 0.70
N THR A 578 13.15 -16.48 0.01
CA THR A 578 14.52 -16.29 -0.44
C THR A 578 14.62 -15.59 -1.79
N HIS A 579 13.49 -15.39 -2.48
CA HIS A 579 13.52 -14.72 -3.77
C HIS A 579 14.06 -13.31 -3.61
N ASP A 580 14.82 -12.87 -4.61
CA ASP A 580 15.48 -11.56 -4.52
C ASP A 580 14.45 -10.44 -4.48
N GLY A 581 14.61 -9.53 -3.52
CA GLY A 581 13.80 -8.34 -3.42
C GLY A 581 12.50 -8.51 -2.67
N VAL A 582 12.07 -9.74 -2.41
CA VAL A 582 10.79 -9.95 -1.73
C VAL A 582 10.89 -9.52 -0.27
N GLN A 583 11.99 -9.87 0.40
CA GLN A 583 12.13 -9.52 1.82
C GLN A 583 12.19 -8.01 2.00
N ASP A 584 12.92 -7.31 1.14
CA ASP A 584 13.01 -5.86 1.25
C ASP A 584 11.65 -5.21 1.07
N MET A 585 10.89 -5.65 0.07
CA MET A 585 9.56 -5.11 -0.16
C MET A 585 8.65 -5.41 1.02
N ALA A 586 8.74 -6.62 1.57
CA ALA A 586 7.91 -6.98 2.72
C ALA A 586 8.22 -6.08 3.91
N CYS A 587 9.51 -5.85 4.19
CA CYS A 587 9.88 -4.99 5.31
C CYS A 587 9.42 -3.56 5.08
N ASP A 588 9.57 -3.05 3.86
CA ASP A 588 9.14 -1.69 3.56
C ASP A 588 7.63 -1.54 3.75
N THR A 589 6.86 -2.50 3.24
CA THR A 589 5.41 -2.44 3.43
C THR A 589 5.04 -2.55 4.89
N PHE A 590 5.74 -3.41 5.64
CA PHE A 590 5.44 -3.56 7.06
C PHE A 590 5.68 -2.26 7.81
N ILE A 591 6.79 -1.58 7.52
CA ILE A 591 7.07 -0.33 8.23
C ILE A 591 6.07 0.75 7.83
N LYS A 592 5.68 0.78 6.54
CA LYS A 592 4.66 1.73 6.13
C LYS A 592 3.36 1.52 6.90
N ILE A 593 2.90 0.26 6.94
CA ILE A 593 1.64 -0.04 7.63
C ILE A 593 1.74 0.28 9.10
N ALA A 594 2.87 -0.07 9.73
CA ALA A 594 3.03 0.20 11.15
C ALA A 594 3.00 1.70 11.42
N GLN A 595 3.64 2.50 10.57
CA GLN A 595 3.61 3.94 10.75
C GLN A 595 2.20 4.49 10.62
N LYS A 596 1.46 4.03 9.60
CA LYS A 596 0.16 4.62 9.31
C LYS A 596 -0.99 4.00 10.11
N CYS A 597 -0.77 2.87 10.78
CA CYS A 597 -1.83 2.19 11.51
C CYS A 597 -1.33 1.73 12.88
N ARG A 598 -0.50 2.56 13.52
CA ARG A 598 0.17 2.15 14.74
C ARG A 598 -0.82 1.83 15.86
N ARG A 599 -1.84 2.68 16.02
CA ARG A 599 -2.73 2.55 17.16
C ARG A 599 -3.58 1.29 17.12
N HIS A 600 -3.67 0.64 15.96
CA HIS A 600 -4.49 -0.56 15.83
C HIS A 600 -3.79 -1.83 16.30
N PHE A 601 -2.50 -1.74 16.64
CA PHE A 601 -1.75 -2.90 17.11
C PHE A 601 -1.62 -2.96 18.63
N VAL A 602 -1.96 -1.88 19.34
CA VAL A 602 -1.76 -1.82 20.78
C VAL A 602 -3.10 -1.96 21.49
N GLN A 603 -4.16 -1.47 20.87
CA GLN A 603 -5.50 -1.59 21.43
C GLN A 603 -6.16 -2.89 20.97
N VAL A 604 -7.01 -3.44 21.85
CA VAL A 604 -7.68 -4.69 21.53
C VAL A 604 -8.80 -4.42 20.53
N GLN A 605 -8.82 -5.18 19.45
CA GLN A 605 -9.79 -4.99 18.39
C GLN A 605 -10.99 -5.91 18.58
N VAL A 606 -12.04 -5.67 17.80
CA VAL A 606 -13.26 -6.45 17.92
C VAL A 606 -12.96 -7.90 17.56
N GLY A 607 -13.41 -8.82 18.43
CA GLY A 607 -13.18 -10.23 18.22
C GLY A 607 -11.84 -10.74 18.72
N GLU A 608 -11.01 -9.88 19.28
CA GLU A 608 -9.69 -10.26 19.78
C GLU A 608 -9.70 -10.35 21.30
N VAL A 609 -8.76 -11.12 21.83
CA VAL A 609 -8.60 -11.28 23.27
C VAL A 609 -7.47 -10.41 23.81
N MET A 610 -6.41 -10.24 23.03
CA MET A 610 -5.27 -9.42 23.41
C MET A 610 -4.83 -8.62 22.19
N PRO A 611 -4.15 -7.49 22.41
CA PRO A 611 -3.69 -6.70 21.26
C PRO A 611 -2.67 -7.45 20.42
N PHE A 612 -2.65 -7.11 19.13
CA PHE A 612 -1.76 -7.81 18.19
C PHE A 612 -0.30 -7.60 18.52
N ILE A 613 0.05 -6.53 19.25
CA ILE A 613 1.44 -6.26 19.57
C ILE A 613 2.01 -7.41 20.41
N ASP A 614 1.21 -7.95 21.33
CA ASP A 614 1.69 -9.05 22.15
C ASP A 614 2.00 -10.27 21.30
N GLU A 615 1.13 -10.58 20.34
CA GLU A 615 1.37 -11.71 19.45
C GLU A 615 2.64 -11.49 18.63
N ILE A 616 2.83 -10.28 18.12
CA ILE A 616 4.04 -9.99 17.33
C ILE A 616 5.28 -10.14 18.19
N LEU A 617 5.23 -9.61 19.42
CA LEU A 617 6.42 -9.67 20.29
C LEU A 617 6.74 -11.10 20.70
N ASN A 618 5.73 -11.92 20.93
CA ASN A 618 5.98 -13.30 21.36
C ASN A 618 6.74 -14.07 20.29
N ASN A 619 6.39 -13.86 19.01
CA ASN A 619 6.97 -14.61 17.90
C ASN A 619 8.04 -13.82 17.16
N ILE A 620 8.64 -12.82 17.80
CA ILE A 620 9.59 -11.95 17.10
C ILE A 620 10.80 -12.75 16.63
N ASN A 621 11.31 -13.64 17.48
CA ASN A 621 12.51 -14.39 17.12
C ASN A 621 12.29 -15.26 15.90
N THR A 622 11.09 -15.85 15.77
CA THR A 622 10.81 -16.71 14.64
C THR A 622 10.59 -15.91 13.35
N ILE A 623 10.08 -14.68 13.47
CA ILE A 623 9.73 -13.91 12.28
C ILE A 623 10.99 -13.47 11.54
N ILE A 624 12.02 -13.04 12.27
CA ILE A 624 13.18 -12.39 11.67
C ILE A 624 14.37 -13.35 11.57
N CYS A 625 14.13 -14.65 11.59
CA CYS A 625 15.23 -15.61 11.56
C CYS A 625 15.99 -15.59 10.25
N ASP A 626 15.35 -15.17 9.15
CA ASP A 626 15.95 -15.24 7.83
C ASP A 626 16.22 -13.86 7.22
N LEU A 627 16.17 -12.80 8.02
CA LEU A 627 16.33 -11.45 7.51
C LEU A 627 17.79 -11.01 7.62
N GLN A 628 18.17 -10.09 6.74
CA GLN A 628 19.49 -9.46 6.80
C GLN A 628 19.48 -8.35 7.84
N PRO A 629 20.67 -7.93 8.31
CA PRO A 629 20.70 -6.97 9.43
C PRO A 629 19.91 -5.70 9.18
N GLN A 630 20.00 -5.12 7.98
CA GLN A 630 19.26 -3.89 7.72
C GLN A 630 17.76 -4.14 7.75
N GLN A 631 17.33 -5.29 7.24
CA GLN A 631 15.91 -5.65 7.31
C GLN A 631 15.48 -5.83 8.76
N VAL A 632 16.35 -6.40 9.59
CA VAL A 632 16.05 -6.53 11.01
C VAL A 632 15.88 -5.15 11.65
N HIS A 633 16.75 -4.21 11.28
CA HIS A 633 16.62 -2.86 11.81
C HIS A 633 15.28 -2.24 11.39
N THR A 634 14.90 -2.42 10.13
CA THR A 634 13.62 -1.88 9.66
C THR A 634 12.46 -2.51 10.43
N PHE A 635 12.50 -3.83 10.64
CA PHE A 635 11.44 -4.50 11.38
C PHE A 635 11.35 -3.96 12.80
N TYR A 636 12.50 -3.77 13.46
CA TYR A 636 12.49 -3.26 14.82
C TYR A 636 11.93 -1.84 14.88
N GLU A 637 12.28 -1.01 13.89
CA GLU A 637 11.70 0.33 13.86
C GLU A 637 10.19 0.28 13.68
N ALA A 638 9.71 -0.61 12.81
CA ALA A 638 8.28 -0.74 12.60
C ALA A 638 7.56 -1.14 13.88
N VAL A 639 8.12 -2.11 14.61
CA VAL A 639 7.51 -2.52 15.87
C VAL A 639 7.60 -1.38 16.90
N GLY A 640 8.68 -0.61 16.86
CA GLY A 640 8.84 0.48 17.80
C GLY A 640 7.78 1.55 17.62
N TYR A 641 7.38 1.81 16.37
CA TYR A 641 6.28 2.75 16.15
C TYR A 641 5.03 2.32 16.88
N MET A 642 4.65 1.05 16.71
CA MET A 642 3.46 0.54 17.38
C MET A 642 3.60 0.63 18.89
N ILE A 643 4.78 0.27 19.42
CA ILE A 643 4.98 0.34 20.86
C ILE A 643 4.82 1.78 21.35
N GLY A 644 5.39 2.73 20.61
CA GLY A 644 5.25 4.13 20.97
C GLY A 644 3.82 4.64 20.89
N ALA A 645 2.98 3.98 20.10
CA ALA A 645 1.57 4.36 20.05
C ALA A 645 0.83 4.06 21.35
N GLN A 646 1.42 3.30 22.27
CA GLN A 646 0.74 2.91 23.51
C GLN A 646 0.75 4.09 24.48
N THR A 647 -0.44 4.56 24.86
CA THR A 647 -0.55 5.73 25.71
C THR A 647 -0.26 5.41 27.18
N ASP A 648 -0.69 4.25 27.66
CA ASP A 648 -0.52 3.91 29.07
C ASP A 648 0.97 3.70 29.38
N GLN A 649 1.42 4.27 30.50
CA GLN A 649 2.86 4.28 30.77
C GLN A 649 3.36 2.92 31.22
N THR A 650 2.63 2.24 32.11
CA THR A 650 3.11 0.96 32.62
C THR A 650 3.08 -0.12 31.54
N VAL A 651 1.98 -0.19 30.78
CA VAL A 651 1.92 -1.14 29.68
C VAL A 651 3.00 -0.85 28.67
N GLN A 652 3.27 0.43 28.40
CA GLN A 652 4.34 0.79 27.48
C GLN A 652 5.70 0.35 28.01
N GLU A 653 5.93 0.50 29.32
CA GLU A 653 7.19 0.06 29.89
C GLU A 653 7.38 -1.43 29.72
N HIS A 654 6.33 -2.21 30.00
CA HIS A 654 6.44 -3.66 29.81
C HIS A 654 6.64 -4.02 28.34
N LEU A 655 5.95 -3.30 27.44
CA LEU A 655 6.12 -3.55 26.01
C LEU A 655 7.56 -3.27 25.59
N ILE A 656 8.15 -2.20 26.09
CA ILE A 656 9.54 -1.88 25.75
C ILE A 656 10.47 -2.94 26.32
N GLU A 657 10.23 -3.39 27.55
CA GLU A 657 11.09 -4.41 28.13
C GLU A 657 11.07 -5.69 27.32
N LYS A 658 9.88 -6.12 26.88
CA LYS A 658 9.81 -7.27 25.99
C LYS A 658 10.41 -6.98 24.62
N TYR A 659 10.36 -5.70 24.20
CA TYR A 659 10.75 -5.32 22.85
C TYR A 659 12.25 -5.50 22.61
N MET A 660 13.06 -5.18 23.61
CA MET A 660 14.51 -5.20 23.47
C MET A 660 15.13 -6.43 24.12
N LEU A 661 14.37 -7.50 24.28
CA LEU A 661 14.84 -8.65 25.06
C LEU A 661 16.02 -9.33 24.37
N LEU A 662 15.88 -9.68 23.10
CA LEU A 662 16.96 -10.39 22.41
C LEU A 662 18.19 -9.52 22.23
N PRO A 663 18.09 -8.28 21.74
CA PRO A 663 19.29 -7.41 21.72
C PRO A 663 19.89 -7.25 23.10
N ASN A 664 19.06 -7.12 24.13
CA ASN A 664 19.59 -6.94 25.48
C ASN A 664 20.37 -8.17 25.94
N GLN A 665 19.89 -9.36 25.62
CA GLN A 665 20.59 -10.56 26.08
C GLN A 665 21.89 -10.76 25.31
N VAL A 666 21.89 -10.48 24.01
CA VAL A 666 23.15 -10.55 23.27
C VAL A 666 24.14 -9.53 23.81
N TRP A 667 23.66 -8.31 24.08
CA TRP A 667 24.51 -7.27 24.63
C TRP A 667 25.07 -7.68 25.99
N ASP A 668 24.22 -8.27 26.84
CA ASP A 668 24.68 -8.70 28.16
C ASP A 668 25.72 -9.79 28.07
N SER A 669 25.53 -10.75 27.16
CA SER A 669 26.54 -11.79 26.98
C SER A 669 27.87 -11.19 26.55
N ILE A 670 27.83 -10.26 25.59
CA ILE A 670 29.07 -9.65 25.12
C ILE A 670 29.73 -8.87 26.25
N ILE A 671 28.93 -8.14 27.05
CA ILE A 671 29.50 -7.35 28.14
C ILE A 671 30.13 -8.25 29.19
N GLN A 672 29.47 -9.35 29.52
CA GLN A 672 30.05 -10.29 30.49
C GLN A 672 31.35 -10.88 29.96
N GLN A 673 31.38 -11.24 28.67
CA GLN A 673 32.61 -11.74 28.08
C GLN A 673 33.72 -10.70 28.18
N ALA A 674 33.40 -9.44 27.87
CA ALA A 674 34.41 -8.38 27.94
C ALA A 674 34.91 -8.20 29.37
N THR A 675 34.00 -8.27 30.35
CA THR A 675 34.42 -8.18 31.73
C THR A 675 35.38 -9.31 32.09
N LYS A 676 35.09 -10.52 31.61
CA LYS A 676 36.00 -11.63 31.84
C LYS A 676 37.37 -11.37 31.22
N ASN A 677 37.38 -10.86 29.98
CA ASN A 677 38.62 -10.58 29.27
C ASN A 677 38.36 -9.45 28.28
N VAL A 678 39.04 -8.32 28.47
CA VAL A 678 38.81 -7.16 27.63
C VAL A 678 39.23 -7.40 26.18
N ASP A 679 40.17 -8.33 25.95
CA ASP A 679 40.66 -8.56 24.59
C ASP A 679 39.55 -9.01 23.65
N ILE A 680 38.43 -9.49 24.19
CA ILE A 680 37.32 -9.88 23.33
C ILE A 680 36.84 -8.71 22.50
N LEU A 681 37.04 -7.48 23.00
CA LEU A 681 36.63 -6.30 22.26
C LEU A 681 37.45 -6.08 21.00
N LYS A 682 38.56 -6.79 20.83
CA LYS A 682 39.35 -6.75 19.61
C LYS A 682 38.95 -7.81 18.60
N ASP A 683 37.97 -8.65 18.93
CA ASP A 683 37.51 -9.68 18.01
C ASP A 683 36.58 -9.06 16.97
N PRO A 684 36.87 -9.18 15.67
CA PRO A 684 36.01 -8.50 14.68
C PRO A 684 34.54 -8.87 14.78
N GLU A 685 34.23 -10.13 15.06
CA GLU A 685 32.83 -10.53 15.16
C GLU A 685 32.13 -9.81 16.30
N THR A 686 32.80 -9.69 17.45
CA THR A 686 32.20 -9.00 18.58
C THR A 686 31.94 -7.53 18.25
N VAL A 687 32.89 -6.87 17.58
CA VAL A 687 32.71 -5.47 17.24
C VAL A 687 31.55 -5.31 16.25
N LYS A 688 31.46 -6.19 15.26
CA LYS A 688 30.36 -6.12 14.31
C LYS A 688 29.02 -6.33 15.02
N GLN A 689 28.97 -7.28 15.94
CA GLN A 689 27.73 -7.52 16.67
C GLN A 689 27.35 -6.32 17.53
N LEU A 690 28.33 -5.69 18.18
CA LEU A 690 28.05 -4.49 18.97
C LEU A 690 27.50 -3.38 18.08
N GLY A 691 28.10 -3.20 16.91
CA GLY A 691 27.58 -2.19 15.99
C GLY A 691 26.16 -2.46 15.58
N SER A 692 25.84 -3.71 15.26
CA SER A 692 24.48 -4.06 14.87
C SER A 692 23.50 -3.81 16.03
N ILE A 693 23.89 -4.18 17.25
CA ILE A 693 23.02 -3.98 18.40
C ILE A 693 22.76 -2.51 18.62
N LEU A 694 23.81 -1.69 18.53
CA LEU A 694 23.63 -0.26 18.73
C LEU A 694 22.79 0.36 17.62
N LYS A 695 22.91 -0.14 16.39
CA LYS A 695 22.05 0.36 15.32
C LYS A 695 20.58 0.01 15.58
N THR A 696 20.33 -1.21 16.06
CA THR A 696 18.96 -1.58 16.42
C THR A 696 18.45 -0.67 17.53
N ASN A 697 19.29 -0.38 18.53
CA ASN A 697 18.87 0.51 19.59
C ASN A 697 18.57 1.91 19.06
N VAL A 698 19.37 2.40 18.12
CA VAL A 698 19.14 3.72 17.56
C VAL A 698 17.80 3.76 16.84
N ARG A 699 17.51 2.73 16.04
CA ARG A 699 16.24 2.70 15.33
C ARG A 699 15.07 2.62 16.31
N ALA A 700 15.21 1.80 17.36
CA ALA A 700 14.14 1.69 18.35
C ALA A 700 13.92 3.02 19.06
N CYS A 701 15.00 3.72 19.40
CA CYS A 701 14.85 5.03 20.04
C CYS A 701 14.17 6.02 19.12
N LYS A 702 14.53 6.00 17.83
CA LYS A 702 13.87 6.89 16.88
C LYS A 702 12.38 6.59 16.82
N ALA A 703 12.01 5.31 16.82
CA ALA A 703 10.60 4.96 16.67
C ALA A 703 9.81 5.28 17.94
N VAL A 704 10.36 4.96 19.11
CA VAL A 704 9.59 5.05 20.35
C VAL A 704 9.51 6.49 20.84
N GLY A 705 10.66 7.08 21.15
CA GLY A 705 10.72 8.46 21.63
C GLY A 705 11.24 8.52 23.06
N HIS A 706 10.68 9.45 23.84
CA HIS A 706 11.16 9.66 25.20
C HIS A 706 11.08 8.42 26.08
N PRO A 707 10.00 7.63 26.06
CA PRO A 707 9.92 6.48 26.97
C PRO A 707 11.09 5.51 26.81
N PHE A 708 11.76 5.52 25.66
CA PHE A 708 12.93 4.68 25.47
C PHE A 708 14.00 4.92 26.53
N VAL A 709 13.86 5.96 27.36
CA VAL A 709 14.78 6.16 28.47
C VAL A 709 14.84 4.93 29.37
N ILE A 710 13.78 4.12 29.38
CA ILE A 710 13.83 2.89 30.17
C ILE A 710 14.93 1.98 29.65
N GLN A 711 15.01 1.82 28.32
CA GLN A 711 16.05 0.97 27.74
C GLN A 711 17.41 1.64 27.82
N LEU A 712 17.49 2.93 27.47
CA LEU A 712 18.77 3.62 27.44
C LEU A 712 19.45 3.55 28.81
N GLY A 713 18.73 3.93 29.86
CA GLY A 713 19.32 3.88 31.19
C GLY A 713 19.80 2.50 31.56
N ARG A 714 19.22 1.46 30.96
CA ARG A 714 19.65 0.10 31.24
C ARG A 714 21.08 -0.13 30.79
N ILE A 715 21.46 0.42 29.63
CA ILE A 715 22.76 0.12 29.04
C ILE A 715 23.73 1.29 29.09
N TYR A 716 23.26 2.50 29.39
CA TYR A 716 24.08 3.69 29.31
C TYR A 716 25.48 3.48 29.88
N LEU A 717 25.55 3.15 31.17
CA LEU A 717 26.86 3.05 31.82
C LEU A 717 27.73 2.01 31.14
N ASP A 718 27.16 0.87 30.74
CA ASP A 718 27.93 -0.12 30.01
C ASP A 718 28.40 0.45 28.68
N MET A 719 27.50 1.12 27.96
CA MET A 719 27.84 1.63 26.64
C MET A 719 29.05 2.56 26.71
N LEU A 720 28.99 3.57 27.58
CA LEU A 720 30.11 4.49 27.70
C LEU A 720 31.39 3.77 28.07
N ASN A 721 31.28 2.65 28.80
CA ASN A 721 32.47 1.86 29.09
C ASN A 721 33.05 1.28 27.80
N VAL A 722 32.21 0.59 27.02
CA VAL A 722 32.70 -0.02 25.79
C VAL A 722 33.36 1.03 24.90
N TYR A 723 32.66 2.15 24.71
CA TYR A 723 33.22 3.29 24.00
C TYR A 723 34.68 3.51 24.40
N LYS A 724 34.91 3.74 25.70
CA LYS A 724 36.26 4.02 26.16
C LYS A 724 37.21 2.94 25.68
N CYS A 725 36.87 1.68 25.95
CA CYS A 725 37.75 0.58 25.57
C CYS A 725 38.09 0.68 24.09
N LEU A 726 37.07 0.82 23.24
CA LEU A 726 37.34 0.87 21.80
C LEU A 726 38.26 2.02 21.47
N SER A 727 38.04 3.19 22.07
CA SER A 727 38.93 4.31 21.86
C SER A 727 40.37 3.91 22.21
N GLU A 728 40.55 3.31 23.38
CA GLU A 728 41.89 2.90 23.79
C GLU A 728 42.50 1.94 22.78
N ASN A 729 41.67 1.15 22.10
CA ASN A 729 42.21 0.25 21.09
C ASN A 729 42.64 0.99 19.83
N ILE A 730 41.86 2.01 19.43
CA ILE A 730 42.18 2.73 18.21
C ILE A 730 43.45 3.55 18.39
N SER A 731 43.53 4.31 19.48
CA SER A 731 44.68 5.18 19.70
C SER A 731 45.98 4.38 19.69
N ALA A 732 45.95 3.16 20.24
CA ALA A 732 47.13 2.31 20.19
C ALA A 732 47.50 1.97 18.75
N ALA A 733 46.51 1.53 17.96
CA ALA A 733 46.79 1.16 16.58
C ALA A 733 47.41 2.33 15.82
N ILE A 734 46.80 3.50 15.92
CA ILE A 734 47.36 4.69 15.27
C ILE A 734 48.77 4.95 15.79
N GLN A 735 48.98 4.75 17.09
CA GLN A 735 50.29 4.99 17.67
C GLN A 735 51.31 3.97 17.18
N ALA A 736 50.86 2.81 16.71
CA ALA A 736 51.78 1.74 16.32
C ALA A 736 52.06 1.73 14.83
N ASN A 737 51.04 1.90 14.00
CA ASN A 737 51.17 1.79 12.55
C ASN A 737 50.84 3.09 11.82
N GLY A 738 50.70 4.20 12.53
CA GLY A 738 50.44 5.47 11.89
C GLY A 738 48.98 5.66 11.53
N GLU A 739 48.71 6.81 10.92
CA GLU A 739 47.33 7.18 10.60
C GLU A 739 46.74 6.30 9.51
N MET A 740 47.58 5.74 8.65
CA MET A 740 47.06 4.92 7.54
C MET A 740 46.28 3.73 8.07
N VAL A 741 46.61 3.26 9.27
CA VAL A 741 45.89 2.14 9.87
C VAL A 741 44.41 2.43 9.99
N THR A 742 44.01 3.70 9.89
CA THR A 742 42.60 4.04 9.96
C THR A 742 41.80 3.48 8.80
N LYS A 743 42.46 3.01 7.74
CA LYS A 743 41.75 2.37 6.64
C LYS A 743 41.46 0.90 6.90
N GLN A 744 41.98 0.35 8.00
CA GLN A 744 41.78 -1.06 8.29
C GLN A 744 40.30 -1.34 8.56
N PRO A 745 39.76 -2.47 8.11
CA PRO A 745 38.35 -2.77 8.39
C PRO A 745 38.02 -2.83 9.88
N LEU A 746 38.91 -3.37 10.70
CA LEU A 746 38.62 -3.47 12.13
C LEU A 746 38.55 -2.09 12.77
N ILE A 747 39.45 -1.18 12.38
CA ILE A 747 39.45 0.15 12.95
C ILE A 747 38.15 0.87 12.60
N ARG A 748 37.69 0.75 11.35
CA ARG A 748 36.45 1.42 10.98
C ARG A 748 35.24 0.73 11.59
N SER A 749 35.32 -0.57 11.89
CA SER A 749 34.25 -1.19 12.66
C SER A 749 34.17 -0.61 14.07
N MET A 750 35.31 -0.46 14.74
CA MET A 750 35.32 0.15 16.06
C MET A 750 34.79 1.58 16.00
N ARG A 751 35.20 2.34 14.99
CA ARG A 751 34.72 3.70 14.83
C ARG A 751 33.22 3.72 14.56
N THR A 752 32.70 2.71 13.86
CA THR A 752 31.26 2.60 13.67
C THR A 752 30.57 2.38 15.01
N VAL A 753 31.14 1.55 15.88
CA VAL A 753 30.55 1.35 17.19
C VAL A 753 30.49 2.67 17.96
N LYS A 754 31.60 3.42 17.93
CA LYS A 754 31.62 4.71 18.63
C LYS A 754 30.59 5.67 18.04
N ARG A 755 30.51 5.72 16.72
CA ARG A 755 29.55 6.60 16.06
C ARG A 755 28.12 6.23 16.44
N GLU A 756 27.81 4.93 16.51
CA GLU A 756 26.47 4.52 16.86
C GLU A 756 26.16 4.85 18.31
N THR A 757 27.14 4.72 19.21
CA THR A 757 26.95 5.15 20.59
C THR A 757 26.55 6.62 20.64
N LEU A 758 27.33 7.47 19.98
CA LEU A 758 27.04 8.90 20.00
C LEU A 758 25.70 9.20 19.35
N LYS A 759 25.37 8.50 18.27
CA LYS A 759 24.09 8.72 17.59
C LYS A 759 22.93 8.34 18.48
N LEU A 760 23.05 7.25 19.23
CA LEU A 760 21.98 6.86 20.15
C LEU A 760 21.79 7.92 21.23
N ILE A 761 22.91 8.39 21.81
CA ILE A 761 22.78 9.42 22.85
C ILE A 761 22.10 10.66 22.29
N SER A 762 22.56 11.12 21.13
CA SER A 762 21.97 12.33 20.53
C SER A 762 20.50 12.11 20.20
N GLY A 763 20.17 10.94 19.64
CA GLY A 763 18.79 10.69 19.26
C GLY A 763 17.85 10.70 20.45
N TRP A 764 18.27 10.11 21.56
CA TRP A 764 17.41 10.16 22.73
C TRP A 764 17.32 11.57 23.30
N VAL A 765 18.46 12.27 23.39
CA VAL A 765 18.43 13.58 24.04
C VAL A 765 17.60 14.57 23.23
N SER A 766 17.63 14.46 21.90
CA SER A 766 16.86 15.39 21.08
C SER A 766 15.36 15.28 21.34
N ARG A 767 14.90 14.12 21.79
CA ARG A 767 13.49 13.89 22.08
C ARG A 767 13.20 13.88 23.58
N SER A 768 14.15 14.31 24.40
CA SER A 768 13.98 14.30 25.84
C SER A 768 12.92 15.31 26.27
N ASN A 769 12.55 15.25 27.54
CA ASN A 769 11.55 16.15 28.12
C ASN A 769 11.97 16.78 29.44
N ASP A 770 12.91 16.19 30.18
CA ASP A 770 13.28 16.63 31.52
C ASP A 770 14.74 17.04 31.52
N PRO A 771 15.06 18.32 31.29
CA PRO A 771 16.47 18.73 31.27
C PRO A 771 17.22 18.42 32.55
N GLN A 772 16.57 18.54 33.71
CA GLN A 772 17.27 18.34 34.97
C GLN A 772 17.78 16.90 35.09
N MET A 773 16.93 15.93 34.75
CA MET A 773 17.35 14.53 34.82
C MET A 773 18.49 14.26 33.87
N VAL A 774 18.41 14.78 32.64
CA VAL A 774 19.47 14.56 31.67
C VAL A 774 20.79 15.14 32.18
N ALA A 775 20.74 16.36 32.73
CA ALA A 775 21.95 16.98 33.23
C ALA A 775 22.53 16.21 34.40
N GLU A 776 21.68 15.72 35.31
CA GLU A 776 22.19 15.06 36.51
C GLU A 776 22.73 13.67 36.21
N ASN A 777 22.04 12.90 35.37
CA ASN A 777 22.34 11.49 35.20
C ASN A 777 23.23 11.17 34.00
N PHE A 778 23.01 11.83 32.87
CA PHE A 778 23.61 11.41 31.60
C PHE A 778 24.83 12.24 31.20
N VAL A 779 24.82 13.54 31.45
CA VAL A 779 25.86 14.41 30.91
C VAL A 779 27.25 14.09 31.46
N PRO A 780 27.44 13.96 32.77
CA PRO A 780 28.81 13.88 33.31
C PRO A 780 29.56 12.67 32.77
N PRO A 781 28.98 11.47 32.82
CA PRO A 781 29.70 10.32 32.25
C PRO A 781 30.01 10.48 30.77
N LEU A 782 29.07 11.07 30.02
CA LEU A 782 29.31 11.27 28.59
C LEU A 782 30.51 12.17 28.36
N LEU A 783 30.56 13.30 29.06
CA LEU A 783 31.69 14.21 28.91
C LEU A 783 32.98 13.51 29.30
N ASP A 784 32.97 12.80 30.43
CA ASP A 784 34.17 12.11 30.88
C ASP A 784 34.66 11.12 29.85
N ALA A 785 33.74 10.43 29.16
CA ALA A 785 34.15 9.44 28.18
C ALA A 785 34.60 10.07 26.86
N VAL A 786 34.05 11.23 26.49
CA VAL A 786 34.18 11.72 25.13
C VAL A 786 35.25 12.80 25.00
N LEU A 787 35.36 13.71 25.97
CA LEU A 787 36.06 14.97 25.73
C LEU A 787 37.55 14.76 25.49
N ILE A 788 38.26 14.22 26.48
CA ILE A 788 39.70 14.07 26.35
C ILE A 788 40.05 13.14 25.21
N ASP A 789 39.24 12.09 25.01
CA ASP A 789 39.47 11.18 23.90
C ASP A 789 39.43 11.93 22.58
N TYR A 790 38.44 12.80 22.39
CA TYR A 790 38.40 13.61 21.18
C TYR A 790 39.61 14.53 21.09
N GLN A 791 39.99 15.13 22.22
CA GLN A 791 41.07 16.10 22.20
C GLN A 791 42.39 15.48 21.76
N ARG A 792 42.71 14.30 22.31
CA ARG A 792 44.03 13.72 22.12
C ARG A 792 44.16 12.90 20.83
N ASN A 793 43.06 12.59 20.15
CA ASN A 793 43.14 11.83 18.93
C ASN A 793 43.66 12.69 17.77
N VAL A 794 44.21 12.03 16.77
CA VAL A 794 44.71 12.70 15.58
C VAL A 794 43.51 13.15 14.74
N PRO A 795 43.67 14.14 13.86
CA PRO A 795 42.51 14.63 13.10
C PRO A 795 41.80 13.54 12.30
N ALA A 796 42.54 12.56 11.79
CA ALA A 796 41.91 11.51 11.01
C ALA A 796 41.09 10.55 11.86
N ALA A 797 41.30 10.55 13.18
CA ALA A 797 40.61 9.64 14.08
C ALA A 797 39.51 10.29 14.89
N ARG A 798 39.41 11.63 14.88
CA ARG A 798 38.39 12.30 15.68
C ARG A 798 37.02 12.11 15.06
N GLU A 799 36.03 11.80 15.90
CA GLU A 799 34.67 11.58 15.45
C GLU A 799 33.94 12.91 15.36
N PRO A 800 33.45 13.32 14.20
CA PRO A 800 32.66 14.56 14.15
C PRO A 800 31.40 14.50 14.98
N GLU A 801 30.78 13.32 15.10
CA GLU A 801 29.53 13.19 15.81
C GLU A 801 29.63 13.77 17.21
N VAL A 802 30.79 13.63 17.85
CA VAL A 802 30.99 14.20 19.18
C VAL A 802 30.48 15.63 19.20
N LEU A 803 31.02 16.47 18.32
CA LEU A 803 30.59 17.86 18.27
C LEU A 803 29.08 17.94 18.13
N SER A 804 28.53 17.25 17.14
CA SER A 804 27.08 17.26 16.94
C SER A 804 26.37 16.90 18.24
N THR A 805 26.81 15.82 18.89
CA THR A 805 26.18 15.42 20.15
C THR A 805 26.16 16.58 21.13
N MET A 806 27.32 17.21 21.32
CA MET A 806 27.38 18.34 22.24
C MET A 806 26.33 19.37 21.89
N ALA A 807 26.26 19.75 20.61
CA ALA A 807 25.29 20.75 20.19
C ALA A 807 23.90 20.37 20.67
N ILE A 808 23.50 19.12 20.42
CA ILE A 808 22.15 18.71 20.78
C ILE A 808 21.91 18.97 22.26
N ILE A 809 22.85 18.55 23.10
CA ILE A 809 22.68 18.73 24.54
C ILE A 809 22.53 20.20 24.86
N VAL A 810 23.39 21.05 24.28
CA VAL A 810 23.34 22.46 24.61
C VAL A 810 22.00 23.05 24.20
N ASN A 811 21.35 22.47 23.19
CA ASN A 811 20.06 22.99 22.78
C ASN A 811 18.94 22.60 23.74
N LYS A 812 19.08 21.47 24.42
CA LYS A 812 18.01 20.98 25.30
C LYS A 812 18.21 21.41 26.75
N LEU A 813 19.45 21.37 27.24
CA LEU A 813 19.72 21.68 28.64
C LEU A 813 19.86 23.17 28.90
N GLY A 814 20.39 23.93 27.95
CA GLY A 814 20.54 25.36 28.13
C GLY A 814 21.28 25.71 29.40
N GLY A 815 20.66 26.53 30.25
CA GLY A 815 21.30 26.95 31.48
C GLY A 815 21.72 25.81 32.38
N HIS A 816 21.11 24.63 32.21
CA HIS A 816 21.48 23.48 33.02
C HIS A 816 22.88 22.95 32.71
N ILE A 817 23.49 23.36 31.60
CA ILE A 817 24.80 22.88 31.21
C ILE A 817 25.79 24.04 31.00
N THR A 818 25.43 25.25 31.42
CA THR A 818 26.33 26.39 31.21
C THR A 818 27.61 26.23 32.01
N ALA A 819 27.60 25.47 33.09
CA ALA A 819 28.80 25.30 33.90
C ALA A 819 29.82 24.40 33.22
N GLU A 820 29.37 23.50 32.36
CA GLU A 820 30.26 22.56 31.70
C GLU A 820 30.86 23.11 30.41
N ILE A 821 30.29 24.17 29.85
CA ILE A 821 30.71 24.71 28.57
C ILE A 821 32.20 25.01 28.56
N PRO A 822 32.78 25.61 29.61
CA PRO A 822 34.22 25.90 29.57
C PRO A 822 35.07 24.67 29.27
N GLN A 823 34.76 23.52 29.86
CA GLN A 823 35.58 22.34 29.59
C GLN A 823 35.28 21.74 28.22
N ILE A 824 34.03 21.81 27.76
CA ILE A 824 33.73 21.40 26.39
C ILE A 824 34.59 22.17 25.41
N PHE A 825 34.64 23.49 25.58
CA PHE A 825 35.44 24.32 24.69
C PHE A 825 36.93 24.00 24.85
N ASP A 826 37.40 23.93 26.09
CA ASP A 826 38.81 23.60 26.32
C ASP A 826 39.20 22.32 25.61
N ALA A 827 38.29 21.35 25.53
CA ALA A 827 38.61 20.07 24.91
C ALA A 827 38.47 20.07 23.39
N VAL A 828 37.53 20.84 22.83
CA VAL A 828 37.16 20.66 21.43
C VAL A 828 37.53 21.86 20.55
N PHE A 829 37.53 23.08 21.08
CA PHE A 829 37.39 24.26 20.24
C PHE A 829 38.65 24.50 19.40
N GLU A 830 39.79 24.67 20.06
CA GLU A 830 41.01 24.99 19.33
C GLU A 830 41.39 23.86 18.38
N CYS A 831 41.22 22.62 18.82
CA CYS A 831 41.53 21.48 17.96
C CYS A 831 40.71 21.53 16.69
N THR A 832 39.39 21.66 16.81
CA THR A 832 38.57 21.67 15.61
C THR A 832 38.81 22.92 14.76
N LEU A 833 39.10 24.05 15.39
CA LEU A 833 39.38 25.26 14.62
C LEU A 833 40.63 25.09 13.77
N ASN A 834 41.69 24.54 14.36
CA ASN A 834 42.90 24.27 13.59
C ASN A 834 42.60 23.25 12.48
N MET A 835 41.76 22.27 12.77
CA MET A 835 41.40 21.29 11.75
C MET A 835 40.69 21.95 10.57
N ILE A 836 39.78 22.88 10.84
CA ILE A 836 38.85 23.36 9.82
C ILE A 836 39.43 24.54 9.05
N ASN A 837 39.95 25.55 9.75
CA ASN A 837 40.36 26.77 9.09
C ASN A 837 41.48 26.54 8.07
N LYS A 838 42.22 25.43 8.21
CA LYS A 838 43.37 25.21 7.33
C LYS A 838 42.94 25.08 5.87
N ASP A 839 41.89 24.32 5.61
CA ASP A 839 41.44 24.06 4.26
C ASP A 839 39.92 24.02 4.23
N PHE A 840 39.36 24.27 3.04
CA PHE A 840 37.92 24.40 2.87
C PHE A 840 37.27 23.16 2.27
N GLU A 841 38.03 22.07 2.08
CA GLU A 841 37.46 20.84 1.58
C GLU A 841 37.90 19.61 2.36
N GLU A 842 38.61 19.78 3.47
CA GLU A 842 39.18 18.64 4.19
C GLU A 842 38.12 17.90 5.00
N TYR A 843 37.50 18.60 5.95
CA TYR A 843 36.57 17.99 6.91
C TYR A 843 35.26 18.77 6.91
N PRO A 844 34.37 18.49 5.95
CA PRO A 844 33.09 19.22 5.92
C PRO A 844 32.22 18.96 7.14
N GLU A 845 32.09 17.69 7.55
CA GLU A 845 31.24 17.36 8.69
C GLU A 845 31.77 18.00 9.96
N HIS A 846 33.09 17.99 10.16
CA HIS A 846 33.65 18.62 11.34
C HIS A 846 33.33 20.10 11.38
N ARG A 847 33.45 20.79 10.24
CA ARG A 847 33.14 22.21 10.20
C ARG A 847 31.66 22.47 10.49
N THR A 848 30.78 21.69 9.88
CA THR A 848 29.36 21.88 10.10
C THR A 848 29.01 21.69 11.57
N ASN A 849 29.50 20.61 12.18
CA ASN A 849 29.21 20.34 13.58
C ASN A 849 29.84 21.38 14.49
N PHE A 850 31.03 21.86 14.14
CA PHE A 850 31.70 22.88 14.93
C PHE A 850 30.86 24.16 14.97
N PHE A 851 30.35 24.58 13.81
CA PHE A 851 29.56 25.80 13.79
C PHE A 851 28.19 25.58 14.43
N LEU A 852 27.62 24.38 14.31
CA LEU A 852 26.38 24.09 15.02
C LEU A 852 26.58 24.22 16.53
N LEU A 853 27.67 23.65 17.04
CA LEU A 853 27.95 23.74 18.47
C LEU A 853 28.17 25.18 18.90
N LEU A 854 28.92 25.94 18.10
CA LEU A 854 29.17 27.34 18.44
C LEU A 854 27.87 28.12 18.47
N GLN A 855 27.00 27.89 17.49
CA GLN A 855 25.71 28.58 17.46
C GLN A 855 24.86 28.20 18.68
N ALA A 856 24.82 26.92 19.02
CA ALA A 856 24.04 26.50 20.18
C ALA A 856 24.55 27.15 21.46
N VAL A 857 25.88 27.16 21.65
CA VAL A 857 26.43 27.76 22.85
C VAL A 857 26.13 29.25 22.90
N ASN A 858 26.30 29.94 21.77
CA ASN A 858 26.03 31.37 21.74
C ASN A 858 24.56 31.67 22.04
N SER A 859 23.66 30.87 21.47
CA SER A 859 22.24 31.17 21.62
C SER A 859 21.73 30.86 23.02
N HIS A 860 22.12 29.71 23.58
CA HIS A 860 21.52 29.23 24.82
C HIS A 860 22.39 29.39 26.06
N CYS A 861 23.71 29.47 25.90
CA CYS A 861 24.63 29.51 27.04
C CYS A 861 25.65 30.63 26.86
N PHE A 862 25.17 31.82 26.50
CA PHE A 862 26.08 32.93 26.27
C PHE A 862 26.94 33.27 27.48
N PRO A 863 26.42 33.26 28.73
CA PRO A 863 27.27 33.64 29.86
C PRO A 863 28.56 32.85 29.94
N ALA A 864 28.58 31.65 29.36
CA ALA A 864 29.80 30.84 29.37
C ALA A 864 30.95 31.60 28.75
N PHE A 865 30.71 32.32 27.65
CA PHE A 865 31.76 33.10 27.02
C PHE A 865 32.42 34.05 28.01
N LEU A 866 31.64 34.60 28.95
CA LEU A 866 32.22 35.50 29.94
C LEU A 866 33.18 34.76 30.86
N ALA A 867 32.84 33.53 31.25
CA ALA A 867 33.74 32.74 32.09
C ALA A 867 34.91 32.18 31.31
N ILE A 868 34.80 32.12 29.99
CA ILE A 868 35.85 31.59 29.13
C ILE A 868 37.05 32.53 29.17
N PRO A 869 38.27 32.04 29.11
CA PRO A 869 39.43 32.94 29.15
C PRO A 869 39.41 33.89 27.97
N PRO A 870 39.93 35.11 28.15
CA PRO A 870 39.84 36.10 27.06
C PRO A 870 40.50 35.65 25.77
N THR A 871 41.63 34.93 25.84
CA THR A 871 42.28 34.47 24.63
C THR A 871 41.39 33.50 23.86
N GLN A 872 40.70 32.61 24.58
CA GLN A 872 39.79 31.69 23.91
C GLN A 872 38.58 32.42 23.33
N PHE A 873 38.11 33.48 23.99
CA PHE A 873 37.05 34.28 23.41
C PHE A 873 37.53 34.98 22.13
N LYS A 874 38.77 35.44 22.13
CA LYS A 874 39.33 36.01 20.90
C LYS A 874 39.39 34.96 19.80
N LEU A 875 39.75 33.73 20.15
CA LEU A 875 39.71 32.64 19.18
C LEU A 875 38.30 32.42 18.64
N VAL A 876 37.30 32.51 19.52
CA VAL A 876 35.92 32.35 19.10
C VAL A 876 35.55 33.43 18.10
N LEU A 877 35.91 34.68 18.40
CA LEU A 877 35.60 35.78 17.49
C LEU A 877 36.34 35.61 16.16
N ASP A 878 37.59 35.16 16.21
CA ASP A 878 38.34 34.92 14.98
C ASP A 878 37.68 33.84 14.14
N SER A 879 37.17 32.79 14.79
CA SER A 879 36.46 31.74 14.07
C SER A 879 35.20 32.30 13.41
N ILE A 880 34.46 33.15 14.13
CA ILE A 880 33.27 33.76 13.56
C ILE A 880 33.64 34.60 12.34
N ILE A 881 34.70 35.40 12.47
CA ILE A 881 35.11 36.28 11.37
C ILE A 881 35.52 35.45 10.17
N TRP A 882 36.32 34.41 10.39
CA TRP A 882 36.69 33.51 9.30
C TRP A 882 35.46 32.87 8.68
N ALA A 883 34.42 32.63 9.49
CA ALA A 883 33.21 32.01 8.96
C ALA A 883 32.46 32.96 8.03
N PHE A 884 32.24 34.20 8.46
CA PHE A 884 31.44 35.09 7.62
C PHE A 884 32.24 35.73 6.50
N LYS A 885 33.55 35.55 6.47
CA LYS A 885 34.37 35.96 5.33
C LYS A 885 34.61 34.83 4.35
N HIS A 886 33.98 33.68 4.56
CA HIS A 886 34.17 32.53 3.69
C HIS A 886 33.52 32.77 2.33
N THR A 887 33.74 31.82 1.41
CA THR A 887 33.16 31.90 0.08
C THR A 887 31.84 31.13 -0.03
N MET A 888 31.74 30.00 0.65
CA MET A 888 30.53 29.19 0.57
C MET A 888 29.35 29.93 1.20
N ARG A 889 28.16 29.70 0.64
CA ARG A 889 26.97 30.42 1.08
C ARG A 889 26.60 30.06 2.51
N ASN A 890 26.51 28.76 2.81
CA ASN A 890 26.04 28.33 4.11
C ASN A 890 26.97 28.79 5.22
N VAL A 891 28.28 28.69 5.00
CA VAL A 891 29.23 29.08 6.03
C VAL A 891 29.10 30.57 6.34
N ALA A 892 29.00 31.39 5.29
CA ALA A 892 28.85 32.83 5.50
C ALA A 892 27.54 33.14 6.20
N ASP A 893 26.46 32.47 5.82
CA ASP A 893 25.17 32.73 6.45
C ASP A 893 25.22 32.40 7.94
N THR A 894 25.76 31.24 8.29
CA THR A 894 25.82 30.85 9.69
C THR A 894 26.75 31.78 10.47
N GLY A 895 27.86 32.19 9.86
CA GLY A 895 28.73 33.13 10.53
C GLY A 895 28.05 34.46 10.81
N LEU A 896 27.31 34.98 9.84
CA LEU A 896 26.60 36.23 10.05
C LEU A 896 25.54 36.09 11.13
N GLN A 897 24.79 34.98 11.12
CA GLN A 897 23.78 34.77 12.14
C GLN A 897 24.41 34.72 13.53
N ILE A 898 25.52 33.99 13.66
CA ILE A 898 26.19 33.89 14.95
C ILE A 898 26.69 35.25 15.40
N LEU A 899 27.26 36.05 14.48
CA LEU A 899 27.76 37.36 14.84
C LEU A 899 26.63 38.26 15.31
N PHE A 900 25.50 38.27 14.61
CA PHE A 900 24.39 39.12 15.00
C PHE A 900 23.86 38.73 16.38
N THR A 901 23.67 37.43 16.60
CA THR A 901 23.18 36.97 17.89
C THR A 901 24.18 37.31 18.99
N LEU A 902 25.47 37.17 18.71
CA LEU A 902 26.49 37.49 19.70
C LEU A 902 26.45 38.97 20.07
N LEU A 903 26.32 39.84 19.08
CA LEU A 903 26.21 41.27 19.37
C LEU A 903 25.00 41.56 20.24
N GLN A 904 23.85 40.98 19.88
CA GLN A 904 22.65 41.21 20.66
C GLN A 904 22.82 40.73 22.09
N ASN A 905 23.44 39.56 22.27
CA ASN A 905 23.61 39.01 23.61
C ASN A 905 24.57 39.86 24.44
N VAL A 906 25.73 40.20 23.88
CA VAL A 906 26.70 41.00 24.62
C VAL A 906 26.15 42.37 24.93
N ALA A 907 25.16 42.85 24.17
CA ALA A 907 24.52 44.11 24.51
C ALA A 907 23.88 44.06 25.89
N GLN A 908 23.56 42.88 26.41
CA GLN A 908 22.89 42.72 27.69
C GLN A 908 23.85 42.51 28.85
N GLU A 909 25.15 42.38 28.59
CA GLU A 909 26.15 42.19 29.65
C GLU A 909 26.82 43.53 29.92
N GLU A 910 26.23 44.30 30.84
CA GLU A 910 26.70 45.66 31.08
C GLU A 910 28.14 45.68 31.55
N ALA A 911 28.50 44.75 32.43
CA ALA A 911 29.86 44.74 32.97
C ALA A 911 30.89 44.54 31.88
N ALA A 912 30.63 43.61 30.95
CA ALA A 912 31.59 43.26 29.91
C ALA A 912 31.28 43.89 28.56
N ALA A 913 30.11 44.54 28.41
CA ALA A 913 29.76 45.12 27.12
C ALA A 913 30.76 46.21 26.72
N GLN A 914 31.13 47.07 27.66
CA GLN A 914 32.06 48.16 27.34
C GLN A 914 33.42 47.60 26.91
N SER A 915 33.92 46.60 27.63
CA SER A 915 35.20 46.00 27.25
C SER A 915 35.11 45.35 25.88
N PHE A 916 34.02 44.62 25.62
CA PHE A 916 33.88 43.99 24.31
C PHE A 916 33.85 45.03 23.20
N TYR A 917 33.11 46.12 23.40
CA TYR A 917 33.08 47.18 22.41
C TYR A 917 34.48 47.73 22.18
N GLN A 918 35.13 48.18 23.25
CA GLN A 918 36.46 48.79 23.12
C GLN A 918 37.46 47.84 22.50
N THR A 919 37.24 46.53 22.60
CA THR A 919 38.20 45.58 22.07
C THR A 919 37.92 45.15 20.64
N TYR A 920 36.64 45.07 20.23
CA TYR A 920 36.31 44.44 18.96
C TYR A 920 35.39 45.24 18.05
N PHE A 921 34.88 46.40 18.47
CA PHE A 921 33.90 47.09 17.66
C PHE A 921 34.48 47.52 16.32
N CYS A 922 35.64 48.19 16.35
CA CYS A 922 36.24 48.66 15.11
C CYS A 922 36.64 47.50 14.21
N ASP A 923 37.18 46.42 14.80
CA ASP A 923 37.59 45.28 14.00
C ASP A 923 36.40 44.65 13.29
N ILE A 924 35.31 44.43 14.02
CA ILE A 924 34.13 43.82 13.42
C ILE A 924 33.57 44.72 12.34
N LEU A 925 33.50 46.03 12.61
CA LEU A 925 32.96 46.96 11.63
C LEU A 925 33.80 46.97 10.36
N GLN A 926 35.13 46.99 10.52
CA GLN A 926 36.01 47.00 9.36
C GLN A 926 35.86 45.72 8.55
N HIS A 927 35.79 44.57 9.22
CA HIS A 927 35.63 43.31 8.49
C HIS A 927 34.30 43.27 7.74
N ILE A 928 33.22 43.72 8.40
CA ILE A 928 31.92 43.72 7.75
C ILE A 928 31.93 44.64 6.53
N PHE A 929 32.50 45.83 6.67
CA PHE A 929 32.53 46.75 5.54
C PHE A 929 33.40 46.22 4.41
N SER A 930 34.52 45.56 4.74
CA SER A 930 35.36 44.99 3.70
C SER A 930 34.61 43.92 2.92
N VAL A 931 33.91 43.02 3.63
CA VAL A 931 33.18 41.98 2.93
C VAL A 931 32.03 42.57 2.12
N VAL A 932 31.39 43.63 2.63
CA VAL A 932 30.31 44.27 1.89
C VAL A 932 30.83 44.88 0.61
N THR A 933 31.91 45.64 0.70
CA THR A 933 32.45 46.32 -0.49
C THR A 933 32.99 45.32 -1.49
N ASP A 934 33.60 44.22 -1.01
CA ASP A 934 34.10 43.20 -1.93
C ASP A 934 32.98 42.53 -2.71
N THR A 935 31.75 42.57 -2.20
CA THR A 935 30.59 41.98 -2.88
C THR A 935 30.77 40.49 -3.11
N SER A 936 31.51 39.81 -2.23
CA SER A 936 31.67 38.37 -2.34
C SER A 936 30.52 37.59 -1.74
N HIS A 937 29.65 38.24 -0.96
CA HIS A 937 28.53 37.59 -0.28
C HIS A 937 27.26 38.41 -0.48
N THR A 938 26.97 38.77 -1.73
CA THR A 938 25.79 39.57 -2.03
C THR A 938 24.53 38.92 -1.46
N ALA A 939 24.47 37.59 -1.46
CA ALA A 939 23.30 36.89 -0.95
C ALA A 939 23.04 37.25 0.51
N GLY A 940 24.08 37.60 1.25
CA GLY A 940 23.95 37.99 2.64
C GLY A 940 23.79 39.47 2.87
N LEU A 941 23.56 40.26 1.82
CA LEU A 941 23.50 41.70 1.97
C LEU A 941 22.55 42.11 3.08
N THR A 942 21.33 41.54 3.08
CA THR A 942 20.36 41.88 4.11
C THR A 942 20.97 41.72 5.49
N MET A 943 21.59 40.58 5.75
CA MET A 943 22.20 40.36 7.06
C MET A 943 23.21 41.45 7.38
N HIS A 944 24.06 41.81 6.41
CA HIS A 944 24.99 42.92 6.63
C HIS A 944 24.23 44.16 7.08
N ALA A 945 23.17 44.52 6.35
CA ALA A 945 22.39 45.70 6.72
C ALA A 945 21.83 45.54 8.13
N SER A 946 21.45 44.33 8.52
CA SER A 946 20.96 44.10 9.87
C SER A 946 22.06 44.37 10.90
N ILE A 947 23.29 43.95 10.59
CA ILE A 947 24.38 44.10 11.56
C ILE A 947 24.83 45.55 11.62
N LEU A 948 25.21 46.11 10.47
CA LEU A 948 25.71 47.48 10.45
C LEU A 948 24.70 48.44 11.06
N ALA A 949 23.44 48.34 10.64
CA ALA A 949 22.40 49.21 11.19
C ALA A 949 22.38 49.12 12.71
N TYR A 950 22.57 47.91 13.25
CA TYR A 950 22.65 47.76 14.69
C TYR A 950 23.88 48.47 15.24
N MET A 951 25.05 48.18 14.67
CA MET A 951 26.30 48.72 15.22
C MET A 951 26.25 50.24 15.26
N PHE A 952 25.89 50.87 14.13
CA PHE A 952 25.76 52.32 14.12
C PHE A 952 24.81 52.79 15.20
N ASN A 953 23.66 52.13 15.34
CA ASN A 953 22.69 52.54 16.34
C ASN A 953 23.32 52.57 17.72
N LEU A 954 24.24 51.64 18.00
CA LEU A 954 24.87 51.60 19.31
C LEU A 954 25.57 52.92 19.61
N VAL A 955 26.27 53.49 18.63
CA VAL A 955 26.90 54.79 18.84
C VAL A 955 25.89 55.91 18.72
N GLU A 956 24.78 55.70 18.00
CA GLU A 956 23.78 56.75 17.87
C GLU A 956 23.15 57.09 19.22
N GLU A 957 22.88 56.07 20.03
CA GLU A 957 22.25 56.26 21.33
C GLU A 957 23.26 56.47 22.45
N GLY A 958 24.55 56.53 22.14
CA GLY A 958 25.55 56.73 23.16
C GLY A 958 25.75 55.54 24.08
N LYS A 959 25.34 54.35 23.64
CA LYS A 959 25.48 53.16 24.48
C LYS A 959 26.91 52.68 24.58
N ILE A 960 27.82 53.18 23.74
CA ILE A 960 29.22 52.79 23.85
C ILE A 960 29.81 53.27 25.17
N SER A 961 29.39 54.46 25.62
CA SER A 961 29.77 55.02 26.92
C SER A 961 31.26 55.26 27.05
N THR A 962 32.01 55.23 25.96
CA THR A 962 33.45 55.49 26.02
C THR A 962 33.92 55.90 24.63
N SER A 963 35.08 56.55 24.60
CA SER A 963 35.67 57.00 23.34
C SER A 963 36.37 55.84 22.65
N LEU A 964 35.96 55.55 21.42
CA LEU A 964 36.62 54.50 20.64
C LEU A 964 38.01 54.90 20.22
N ASN A 965 38.33 56.19 20.22
CA ASN A 965 39.67 56.64 19.88
C ASN A 965 40.63 56.21 20.98
N PRO A 966 41.70 55.48 20.67
CA PRO A 966 42.58 54.99 21.74
C PRO A 966 43.45 56.07 22.35
N GLY A 967 43.69 57.19 21.67
CA GLY A 967 44.61 58.19 22.15
C GLY A 967 43.98 59.28 23.00
N ASN A 968 42.95 59.93 22.47
CA ASN A 968 42.32 61.06 23.13
C ASN A 968 40.81 60.93 23.10
N PRO A 969 40.11 61.52 24.06
CA PRO A 969 38.65 61.49 24.03
C PRO A 969 38.09 62.25 22.84
N VAL A 970 36.98 61.75 22.31
CA VAL A 970 36.30 62.40 21.19
C VAL A 970 34.92 61.79 21.07
N ASN A 971 33.97 62.55 20.53
CA ASN A 971 32.61 62.05 20.36
C ASN A 971 32.63 60.82 19.45
N ASN A 972 31.91 59.77 19.88
CA ASN A 972 31.96 58.51 19.13
C ASN A 972 31.32 58.65 17.75
N GLN A 973 30.26 59.44 17.64
CA GLN A 973 29.59 59.60 16.34
C GLN A 973 30.56 60.14 15.30
N ILE A 974 31.26 61.23 15.62
CA ILE A 974 32.15 61.85 14.65
C ILE A 974 33.30 60.91 14.31
N PHE A 975 33.87 60.25 15.32
CA PHE A 975 34.97 59.34 15.08
C PHE A 975 34.55 58.21 14.16
N LEU A 976 33.36 57.62 14.41
CA LEU A 976 32.90 56.53 13.56
C LEU A 976 32.62 57.02 12.15
N GLN A 977 32.03 58.21 12.00
CA GLN A 977 31.78 58.74 10.67
C GLN A 977 33.07 58.90 9.90
N GLU A 978 34.08 59.52 10.51
CA GLU A 978 35.35 59.70 9.80
C GLU A 978 36.02 58.37 9.51
N TYR A 979 35.93 57.42 10.44
CA TYR A 979 36.56 56.11 10.24
C TYR A 979 35.93 55.38 9.06
N VAL A 980 34.60 55.35 9.01
CA VAL A 980 33.93 54.66 7.91
C VAL A 980 34.16 55.40 6.59
N ALA A 981 34.20 56.73 6.63
CA ALA A 981 34.51 57.48 5.43
C ALA A 981 35.90 57.15 4.91
N ASN A 982 36.88 57.05 5.81
CA ASN A 982 38.22 56.66 5.41
C ASN A 982 38.24 55.25 4.83
N LEU A 983 37.49 54.34 5.44
CA LEU A 983 37.40 52.98 4.91
C LEU A 983 36.86 53.00 3.48
N LEU A 984 35.77 53.73 3.26
CA LEU A 984 35.19 53.80 1.92
C LEU A 984 36.16 54.42 0.93
N LYS A 985 36.84 55.50 1.33
CA LYS A 985 37.80 56.14 0.44
C LYS A 985 38.92 55.19 0.07
N SER A 986 39.45 54.44 1.04
CA SER A 986 40.49 53.46 0.75
C SER A 986 39.98 52.39 -0.20
N ALA A 987 38.74 51.92 0.02
CA ALA A 987 38.16 50.93 -0.88
C ALA A 987 37.97 51.51 -2.27
N PHE A 988 37.47 52.74 -2.37
CA PHE A 988 37.16 53.38 -3.64
C PHE A 988 37.77 54.79 -3.64
N PRO A 989 39.07 54.90 -3.91
CA PRO A 989 39.70 56.24 -3.86
C PRO A 989 39.10 57.23 -4.85
N HIS A 990 38.61 56.76 -6.00
CA HIS A 990 38.15 57.68 -7.04
C HIS A 990 36.94 58.49 -6.60
N LEU A 991 36.21 58.06 -5.58
CA LEU A 991 35.02 58.78 -5.15
C LEU A 991 35.38 60.15 -4.58
N GLN A 992 34.50 61.12 -4.83
CA GLN A 992 34.70 62.46 -4.31
C GLN A 992 34.40 62.50 -2.81
N ASP A 993 35.07 63.42 -2.11
CA ASP A 993 34.92 63.50 -0.67
C ASP A 993 33.48 63.85 -0.29
N ALA A 994 32.87 64.81 -0.98
CA ALA A 994 31.51 65.22 -0.66
C ALA A 994 30.53 64.07 -0.86
N GLN A 995 30.71 63.30 -1.93
CA GLN A 995 29.82 62.16 -2.18
C GLN A 995 29.90 61.16 -1.02
N VAL A 996 31.12 60.82 -0.60
CA VAL A 996 31.28 59.87 0.49
C VAL A 996 30.69 60.43 1.78
N LYS A 997 30.91 61.71 2.05
CA LYS A 997 30.38 62.32 3.26
C LYS A 997 28.85 62.25 3.29
N LEU A 998 28.21 62.64 2.20
CA LEU A 998 26.75 62.63 2.17
C LEU A 998 26.23 61.19 2.25
N PHE A 999 26.89 60.25 1.55
CA PHE A 999 26.46 58.86 1.61
C PHE A 999 26.54 58.32 3.02
N VAL A 1000 27.64 58.58 3.72
CA VAL A 1000 27.80 58.05 5.07
C VAL A 1000 26.82 58.71 6.02
N THR A 1001 26.58 60.01 5.87
CA THR A 1001 25.61 60.68 6.72
C THR A 1001 24.21 60.09 6.52
N GLY A 1002 23.81 59.89 5.26
CA GLY A 1002 22.52 59.29 5.00
C GLY A 1002 22.42 57.88 5.55
N LEU A 1003 23.49 57.09 5.38
CA LEU A 1003 23.50 55.73 5.92
C LEU A 1003 23.34 55.75 7.44
N PHE A 1004 24.05 56.66 8.11
CA PHE A 1004 23.95 56.75 9.57
C PHE A 1004 22.56 57.19 9.99
N SER A 1005 21.92 58.06 9.21
CA SER A 1005 20.57 58.51 9.58
C SER A 1005 19.54 57.41 9.46
N LEU A 1006 19.76 56.44 8.56
CA LEU A 1006 18.78 55.38 8.30
C LEU A 1006 19.01 54.14 9.17
N ASN A 1007 19.73 54.27 10.28
CA ASN A 1007 20.03 53.11 11.10
C ASN A 1007 18.80 52.54 11.80
N GLN A 1008 17.72 53.31 11.90
CA GLN A 1008 16.52 52.86 12.59
C GLN A 1008 15.54 52.14 11.68
N ASP A 1009 15.83 52.03 10.38
CA ASP A 1009 14.95 51.38 9.41
C ASP A 1009 15.80 50.43 8.57
N ILE A 1010 15.71 49.13 8.86
CA ILE A 1010 16.53 48.15 8.15
C ILE A 1010 16.24 48.15 6.66
N PRO A 1011 14.99 48.14 6.19
CA PRO A 1011 14.77 48.17 4.74
C PRO A 1011 15.35 49.39 4.06
N ALA A 1012 15.17 50.58 4.65
CA ALA A 1012 15.73 51.79 4.06
C ALA A 1012 17.25 51.75 4.10
N PHE A 1013 17.83 51.26 5.19
CA PHE A 1013 19.28 51.13 5.28
C PHE A 1013 19.80 50.24 4.16
N LYS A 1014 19.18 49.07 3.98
CA LYS A 1014 19.64 48.14 2.95
C LYS A 1014 19.46 48.73 1.57
N GLU A 1015 18.35 49.43 1.32
CA GLU A 1015 18.14 50.04 0.02
C GLU A 1015 19.18 51.12 -0.26
N HIS A 1016 19.51 51.93 0.74
CA HIS A 1016 20.55 52.95 0.58
C HIS A 1016 21.89 52.32 0.24
N LEU A 1017 22.26 51.28 0.99
CA LEU A 1017 23.53 50.61 0.72
C LEU A 1017 23.53 49.97 -0.66
N ARG A 1018 22.42 49.35 -1.04
CA ARG A 1018 22.32 48.73 -2.36
C ARG A 1018 22.44 49.77 -3.46
N ASP A 1019 21.80 50.93 -3.29
CA ASP A 1019 21.92 51.98 -4.30
C ASP A 1019 23.36 52.47 -4.42
N PHE A 1020 24.03 52.66 -3.28
CA PHE A 1020 25.42 53.10 -3.33
C PHE A 1020 26.28 52.08 -4.06
N LEU A 1021 26.11 50.79 -3.74
CA LEU A 1021 26.91 49.76 -4.39
C LEU A 1021 26.59 49.66 -5.88
N VAL A 1022 25.32 49.82 -6.24
CA VAL A 1022 24.94 49.79 -7.65
C VAL A 1022 25.59 50.93 -8.41
N GLN A 1023 25.59 52.13 -7.80
CA GLN A 1023 26.27 53.25 -8.44
C GLN A 1023 27.76 52.98 -8.60
N ILE A 1024 28.38 52.41 -7.56
CA ILE A 1024 29.80 52.08 -7.65
C ILE A 1024 30.05 51.11 -8.80
N LYS A 1025 29.22 50.07 -8.90
CA LYS A 1025 29.40 49.08 -9.96
C LYS A 1025 29.20 49.72 -11.34
N GLU A 1026 28.18 50.58 -11.47
CA GLU A 1026 27.92 51.20 -12.76
C GLU A 1026 29.04 52.15 -13.16
N PHE A 1027 29.70 52.78 -12.18
CA PHE A 1027 30.86 53.61 -12.50
C PHE A 1027 31.89 52.82 -13.30
N ALA A 1028 32.11 51.58 -12.93
CA ALA A 1028 32.97 50.67 -13.69
C ALA A 1028 32.12 49.89 -14.69
N GLY A 1029 32.71 48.87 -15.29
CA GLY A 1029 31.99 48.05 -16.26
C GLY A 1029 31.38 46.81 -15.64
N GLU A 1030 31.23 46.81 -14.32
CA GLU A 1030 30.70 45.65 -13.62
C GLU A 1030 29.19 45.54 -13.83
N ASP A 1031 28.66 44.36 -13.50
CA ASP A 1031 27.24 44.07 -13.63
C ASP A 1031 26.58 44.12 -12.26
N THR A 1032 25.43 44.78 -12.19
CA THR A 1032 24.70 44.95 -10.94
C THR A 1032 23.65 43.86 -10.70
N SER A 1033 23.58 42.85 -11.57
CA SER A 1033 22.57 41.81 -11.40
C SER A 1033 22.76 41.05 -10.09
N ASP A 1034 24.01 40.76 -9.74
CA ASP A 1034 24.27 39.94 -8.56
C ASP A 1034 23.76 40.61 -7.29
N LEU A 1035 23.90 41.94 -7.20
CA LEU A 1035 23.49 42.65 -5.99
C LEU A 1035 22.02 42.41 -5.66
N PHE A 1036 21.20 42.14 -6.67
CA PHE A 1036 19.76 41.96 -6.49
C PHE A 1036 19.38 40.49 -6.32
N LEU A 1037 20.36 39.58 -6.24
CA LEU A 1037 20.04 38.17 -6.04
C LEU A 1037 19.16 37.99 -4.81
N GLU A 1038 19.52 38.66 -3.71
CA GLU A 1038 18.75 38.56 -2.47
C GLU A 1038 17.26 38.71 -2.72
N GLU A 1039 16.87 39.41 -3.78
CA GLU A 1039 15.46 39.57 -4.08
C GLU A 1039 14.92 38.37 -4.85
N ARG A 1040 15.55 38.04 -5.98
CA ARG A 1040 14.95 37.09 -6.91
C ARG A 1040 14.74 35.74 -6.25
N GLU A 1041 15.76 35.24 -5.53
CA GLU A 1041 15.63 33.93 -4.92
C GLU A 1041 14.49 33.90 -3.91
N ILE A 1042 14.18 35.04 -3.29
CA ILE A 1042 13.02 35.09 -2.40
C ILE A 1042 11.75 34.86 -3.20
N ALA A 1043 11.60 35.61 -4.31
CA ALA A 1043 10.39 35.47 -5.13
C ALA A 1043 10.19 34.02 -5.53
N LEU A 1044 11.24 33.39 -6.05
CA LEU A 1044 11.16 31.97 -6.41
C LEU A 1044 10.59 31.16 -5.26
N ARG A 1045 11.16 31.33 -4.06
CA ARG A 1045 10.67 30.60 -2.90
C ARG A 1045 9.17 30.79 -2.75
N GLN A 1046 8.71 32.05 -2.81
CA GLN A 1046 7.28 32.31 -2.67
C GLN A 1046 6.49 31.45 -3.64
N ALA A 1047 6.91 31.44 -4.91
CA ALA A 1047 6.19 30.64 -5.89
C ALA A 1047 6.06 29.21 -5.41
N ASP A 1048 7.18 28.59 -5.02
CA ASP A 1048 7.14 27.23 -4.53
C ASP A 1048 6.09 27.08 -3.43
N GLU A 1049 6.13 27.99 -2.45
CA GLU A 1049 5.16 27.92 -1.36
C GLU A 1049 3.75 27.88 -1.93
N GLU A 1050 3.43 28.84 -2.81
CA GLU A 1050 2.11 28.84 -3.42
C GLU A 1050 1.81 27.50 -4.05
N LYS A 1051 2.74 27.00 -4.86
CA LYS A 1051 2.55 25.71 -5.50
C LYS A 1051 2.20 24.66 -4.45
N HIS A 1052 2.99 24.58 -3.37
CA HIS A 1052 2.70 23.62 -2.32
C HIS A 1052 1.32 23.87 -1.75
N LYS A 1053 1.03 25.12 -1.40
CA LYS A 1053 -0.29 25.44 -0.83
C LYS A 1053 -1.41 25.10 -1.80
N ARG A 1054 -1.12 25.07 -3.10
CA ARG A 1054 -2.12 24.70 -4.08
C ARG A 1054 -2.36 23.20 -4.10
N GLN A 1055 -1.30 22.40 -3.91
CA GLN A 1055 -1.42 20.96 -4.05
C GLN A 1055 -1.95 20.29 -2.79
N MET A 1056 -1.79 20.91 -1.62
CA MET A 1056 -2.34 20.34 -0.40
C MET A 1056 -3.86 20.26 -0.47
N SER A 1057 -4.50 21.20 -1.16
CA SER A 1057 -5.96 21.27 -1.20
C SER A 1057 -6.59 20.24 -2.12
N VAL A 1058 -5.80 19.54 -2.93
CA VAL A 1058 -6.31 18.54 -3.86
C VAL A 1058 -5.97 17.17 -3.28
N PRO A 1059 -6.95 16.41 -2.78
CA PRO A 1059 -6.64 15.09 -2.22
C PRO A 1059 -6.04 14.17 -3.28
N GLY A 1060 -5.03 13.40 -2.87
CA GLY A 1060 -4.44 12.38 -3.69
C GLY A 1060 -3.18 12.80 -4.43
N ILE A 1061 -2.95 14.09 -4.60
CA ILE A 1061 -1.74 14.53 -5.30
C ILE A 1061 -0.50 14.15 -4.50
N PHE A 1062 -0.54 14.34 -3.19
CA PHE A 1062 0.59 13.99 -2.34
C PHE A 1062 0.44 12.56 -1.83
N ASN A 1063 1.57 11.89 -1.69
CA ASN A 1063 1.56 10.50 -1.24
C ASN A 1063 0.97 10.43 0.17
N PRO A 1064 0.22 9.37 0.50
CA PRO A 1064 -0.33 9.28 1.85
C PRO A 1064 0.73 9.30 2.93
N HIS A 1065 1.94 8.81 2.63
CA HIS A 1065 3.03 8.80 3.60
C HIS A 1065 3.87 10.07 3.56
N GLU A 1066 3.61 10.96 2.61
CA GLU A 1066 4.34 12.22 2.53
C GLU A 1066 3.69 13.33 3.36
N ILE A 1067 2.36 13.32 3.48
CA ILE A 1067 1.65 14.34 4.23
C ILE A 1067 1.87 14.09 5.71
N PRO A 1068 2.39 15.06 6.47
CA PRO A 1068 2.51 14.88 7.92
C PRO A 1068 1.19 15.00 8.67
N GLU A 1069 0.08 15.23 7.97
CA GLU A 1069 -1.22 15.41 8.62
C GLU A 1069 -1.88 14.04 8.82
N GLU A 1070 -1.28 13.26 9.72
CA GLU A 1070 -1.82 11.95 10.04
C GLU A 1070 -3.18 12.10 10.72
N MET A 1071 -4.12 11.25 10.32
CA MET A 1071 -5.46 11.29 10.89
C MET A 1071 -5.46 10.57 12.24
N CYS A 1072 -6.64 10.48 12.85
CA CYS A 1072 -6.80 9.91 14.18
C CYS A 1072 -7.25 8.46 14.10
N ASP A 1073 -6.94 7.71 15.15
CA ASP A 1073 -7.32 6.30 15.23
C ASP A 1073 -6.65 5.49 14.12
N THR B 39 -3.98 -10.00 -33.74
CA THR B 39 -4.44 -10.97 -32.75
C THR B 39 -5.94 -11.22 -32.87
N LEU B 40 -6.74 -10.27 -32.38
CA LEU B 40 -8.18 -10.41 -32.42
C LEU B 40 -8.75 -9.88 -33.73
N LYS B 41 -9.99 -10.26 -34.00
CA LYS B 41 -10.65 -9.97 -35.28
C LYS B 41 -11.75 -8.93 -35.08
N PRO B 42 -12.28 -8.35 -36.17
CA PRO B 42 -13.22 -7.21 -35.99
C PRO B 42 -14.42 -7.54 -35.14
N LEU B 43 -14.99 -8.74 -35.25
CA LEU B 43 -16.12 -9.10 -34.39
C LEU B 43 -15.73 -9.12 -32.92
N HIS B 44 -14.52 -9.60 -32.62
CA HIS B 44 -14.04 -9.58 -31.24
C HIS B 44 -13.91 -8.14 -30.73
N CYS B 45 -13.38 -7.25 -31.55
CA CYS B 45 -13.28 -5.85 -31.15
C CYS B 45 -14.66 -5.24 -30.92
N ALA B 46 -15.62 -5.56 -31.79
CA ALA B 46 -16.98 -5.07 -31.60
C ALA B 46 -17.56 -5.56 -30.28
N CYS B 47 -17.33 -6.82 -29.95
CA CYS B 47 -17.81 -7.35 -28.68
C CYS B 47 -17.14 -6.64 -27.50
N MET B 48 -15.83 -6.40 -27.59
CA MET B 48 -15.13 -5.72 -26.51
C MET B 48 -15.67 -4.32 -26.29
N VAL B 49 -15.90 -3.57 -27.37
CA VAL B 49 -16.41 -2.21 -27.23
C VAL B 49 -17.86 -2.17 -26.81
N SER B 50 -18.54 -3.32 -26.79
CA SER B 50 -19.90 -3.43 -26.27
C SER B 50 -20.88 -2.56 -27.06
N ASP B 51 -21.01 -2.87 -28.35
CA ASP B 51 -22.00 -2.25 -29.22
C ASP B 51 -22.74 -3.36 -29.95
N ALA B 52 -24.02 -3.56 -29.62
CA ALA B 52 -24.79 -4.62 -30.25
C ALA B 52 -24.97 -4.38 -31.74
N ASP B 53 -25.05 -3.12 -32.16
CA ASP B 53 -25.29 -2.83 -33.57
C ASP B 53 -24.14 -3.33 -34.44
N CYS B 54 -22.89 -3.10 -34.02
CA CYS B 54 -21.75 -3.50 -34.82
C CYS B 54 -21.68 -5.02 -34.96
N VAL B 55 -21.84 -5.73 -33.86
CA VAL B 55 -21.80 -7.20 -33.92
C VAL B 55 -22.94 -7.73 -34.77
N GLU B 56 -24.13 -7.15 -34.62
CA GLU B 56 -25.27 -7.61 -35.40
C GLU B 56 -25.04 -7.40 -36.89
N LEU B 57 -24.59 -6.21 -37.27
CA LEU B 57 -24.38 -5.95 -38.70
C LEU B 57 -23.26 -6.80 -39.26
N LEU B 58 -22.20 -7.02 -38.48
CA LEU B 58 -21.12 -7.88 -38.94
C LEU B 58 -21.62 -9.31 -39.15
N LEU B 59 -22.42 -9.83 -38.22
CA LEU B 59 -22.97 -11.17 -38.37
C LEU B 59 -23.95 -11.23 -39.53
N GLU B 60 -24.59 -10.11 -39.87
CA GLU B 60 -25.56 -10.11 -40.96
C GLU B 60 -24.92 -10.45 -42.31
N LYS B 61 -23.59 -10.36 -42.42
CA LYS B 61 -22.88 -10.70 -43.64
C LYS B 61 -22.07 -12.00 -43.47
N GLY B 62 -22.64 -12.95 -42.73
CA GLY B 62 -22.04 -14.27 -42.63
C GLY B 62 -20.65 -14.28 -42.04
N ALA B 63 -20.42 -13.49 -40.98
CA ALA B 63 -19.14 -13.53 -40.29
C ALA B 63 -18.98 -14.85 -39.56
N GLU B 64 -17.74 -15.32 -39.48
CA GLU B 64 -17.45 -16.60 -38.82
C GLU B 64 -17.63 -16.42 -37.33
N VAL B 65 -18.80 -16.81 -36.82
CA VAL B 65 -19.16 -16.51 -35.44
C VAL B 65 -18.26 -17.27 -34.47
N ASN B 66 -17.90 -18.51 -34.80
CA ASN B 66 -17.10 -19.35 -33.92
C ASN B 66 -15.61 -19.29 -34.23
N ALA B 67 -15.15 -18.22 -34.87
CA ALA B 67 -13.74 -18.10 -35.24
C ALA B 67 -12.89 -17.83 -33.99
N LEU B 68 -11.80 -18.57 -33.86
CA LEU B 68 -10.84 -18.30 -32.80
C LEU B 68 -10.02 -17.06 -33.14
N ASP B 69 -9.14 -16.67 -32.23
CA ASP B 69 -8.31 -15.48 -32.43
C ASP B 69 -6.93 -15.75 -31.85
N GLY B 70 -6.14 -14.68 -31.69
CA GLY B 70 -4.76 -14.85 -31.27
C GLY B 70 -4.63 -15.49 -29.90
N TYR B 71 -5.57 -15.21 -28.99
CA TYR B 71 -5.52 -15.74 -27.64
C TYR B 71 -6.41 -16.97 -27.47
N ASN B 72 -6.88 -17.56 -28.56
CA ASN B 72 -7.65 -18.79 -28.54
C ASN B 72 -9.02 -18.61 -27.93
N ARG B 73 -9.56 -17.39 -27.96
CA ARG B 73 -10.91 -17.12 -27.50
C ARG B 73 -11.84 -16.91 -28.69
N THR B 74 -13.11 -16.77 -28.38
CA THR B 74 -14.17 -16.52 -29.35
C THR B 74 -14.86 -15.21 -29.01
N ALA B 75 -15.56 -14.65 -30.00
CA ALA B 75 -16.30 -13.42 -29.75
C ALA B 75 -17.28 -13.58 -28.59
N LEU B 76 -17.81 -14.80 -28.40
CA LEU B 76 -18.75 -15.02 -27.31
C LEU B 76 -18.09 -14.86 -25.96
N HIS B 77 -16.80 -15.19 -25.85
CA HIS B 77 -16.10 -14.97 -24.58
C HIS B 77 -16.10 -13.49 -24.21
N TYR B 78 -15.74 -12.63 -25.17
CA TYR B 78 -15.77 -11.19 -24.91
C TYR B 78 -17.18 -10.71 -24.61
N ALA B 79 -18.17 -11.19 -25.37
CA ALA B 79 -19.54 -10.77 -25.14
C ALA B 79 -20.00 -11.14 -23.73
N ALA B 80 -19.69 -12.35 -23.29
CA ALA B 80 -20.04 -12.77 -21.94
C ALA B 80 -19.33 -11.91 -20.91
N GLU B 81 -18.06 -11.59 -21.15
CA GLU B 81 -17.31 -10.74 -20.22
C GLU B 81 -17.84 -9.32 -20.17
N LYS B 82 -18.54 -8.86 -21.21
CA LYS B 82 -18.87 -7.44 -21.34
C LYS B 82 -20.34 -7.13 -21.14
N ASP B 83 -21.23 -7.73 -21.95
CA ASP B 83 -22.62 -7.30 -21.94
C ASP B 83 -23.50 -8.45 -22.40
N GLU B 84 -24.79 -8.36 -22.04
CA GLU B 84 -25.74 -9.40 -22.39
C GLU B 84 -26.37 -9.17 -23.76
N ALA B 85 -26.43 -7.92 -24.23
CA ALA B 85 -26.96 -7.68 -25.56
C ALA B 85 -26.08 -8.31 -26.63
N CYS B 86 -24.76 -8.18 -26.50
CA CYS B 86 -23.84 -8.83 -27.43
C CYS B 86 -23.97 -10.34 -27.34
N VAL B 87 -24.13 -10.87 -26.12
CA VAL B 87 -24.29 -12.31 -25.97
C VAL B 87 -25.53 -12.79 -26.69
N GLU B 88 -26.65 -12.08 -26.54
CA GLU B 88 -27.88 -12.45 -27.21
C GLU B 88 -27.73 -12.37 -28.72
N VAL B 89 -27.09 -11.31 -29.22
CA VAL B 89 -26.92 -11.16 -30.66
C VAL B 89 -26.08 -12.31 -31.20
N LEU B 90 -24.98 -12.64 -30.51
CA LEU B 90 -24.12 -13.72 -30.98
C LEU B 90 -24.85 -15.06 -30.95
N LEU B 91 -25.60 -15.32 -29.87
CA LEU B 91 -26.34 -16.59 -29.79
C LEU B 91 -27.39 -16.69 -30.87
N GLU B 92 -28.00 -15.57 -31.25
CA GLU B 92 -29.02 -15.61 -32.29
C GLU B 92 -28.46 -16.10 -33.62
N TYR B 93 -27.15 -15.91 -33.84
CA TYR B 93 -26.52 -16.27 -35.11
C TYR B 93 -25.67 -17.54 -34.98
N GLY B 94 -26.13 -18.48 -34.17
CA GLY B 94 -25.51 -19.80 -34.11
C GLY B 94 -24.22 -19.86 -33.34
N ALA B 95 -23.87 -18.84 -32.56
CA ALA B 95 -22.66 -18.89 -31.77
C ALA B 95 -22.71 -20.08 -30.82
N ASN B 96 -21.60 -20.79 -30.70
CA ASN B 96 -21.54 -21.96 -29.84
C ASN B 96 -21.47 -21.52 -28.39
N PRO B 97 -22.44 -21.88 -27.54
CA PRO B 97 -22.40 -21.44 -26.14
C PRO B 97 -21.36 -22.18 -25.31
N ASN B 98 -20.78 -23.27 -25.82
CA ASN B 98 -19.80 -24.06 -25.08
C ASN B 98 -18.43 -23.99 -25.75
N ALA B 99 -18.15 -22.90 -26.47
CA ALA B 99 -16.84 -22.74 -27.09
C ALA B 99 -15.76 -22.72 -26.02
N LEU B 100 -14.65 -23.38 -26.31
CA LEU B 100 -13.55 -23.54 -25.37
C LEU B 100 -12.40 -22.60 -25.73
N ASP B 101 -11.62 -22.23 -24.71
CA ASP B 101 -10.47 -21.37 -24.89
C ASP B 101 -9.20 -22.09 -24.50
N GLY B 102 -8.08 -21.36 -24.42
CA GLY B 102 -6.80 -22.01 -24.19
C GLY B 102 -6.79 -22.94 -23.00
N ASN B 103 -7.49 -22.55 -21.93
CA ASN B 103 -7.57 -23.35 -20.72
C ASN B 103 -8.88 -24.16 -20.65
N ARG B 104 -9.62 -24.24 -21.76
CA ARG B 104 -10.88 -24.98 -21.80
C ARG B 104 -11.94 -24.34 -20.91
N ASP B 105 -12.00 -23.01 -20.91
CA ASP B 105 -13.00 -22.27 -20.17
C ASP B 105 -14.06 -21.76 -21.13
N THR B 106 -15.32 -22.09 -20.86
CA THR B 106 -16.42 -21.66 -21.69
C THR B 106 -16.79 -20.22 -21.34
N PRO B 107 -17.59 -19.56 -22.19
CA PRO B 107 -18.03 -18.20 -21.85
C PRO B 107 -18.79 -18.15 -20.53
N LEU B 108 -19.45 -19.23 -20.13
CA LEU B 108 -20.16 -19.23 -18.85
C LEU B 108 -19.19 -19.05 -17.69
N HIS B 109 -18.01 -19.66 -17.77
CA HIS B 109 -16.99 -19.46 -16.75
C HIS B 109 -16.73 -17.97 -16.54
N TRP B 110 -16.51 -17.24 -17.63
CA TRP B 110 -16.15 -15.83 -17.52
C TRP B 110 -17.35 -14.97 -17.13
N ALA B 111 -18.54 -15.32 -17.59
CA ALA B 111 -19.73 -14.59 -17.15
C ALA B 111 -19.92 -14.74 -15.64
N ALA B 112 -19.73 -15.95 -15.12
CA ALA B 112 -19.85 -16.17 -13.68
C ALA B 112 -18.75 -15.45 -12.91
N PHE B 113 -17.51 -15.51 -13.42
CA PHE B 113 -16.39 -14.86 -12.74
C PHE B 113 -16.60 -13.35 -12.69
N LYS B 114 -17.06 -12.76 -13.80
CA LYS B 114 -17.32 -11.33 -13.86
C LYS B 114 -18.58 -10.92 -13.12
N ASN B 115 -19.43 -11.88 -12.76
CA ASN B 115 -20.70 -11.61 -12.07
C ASN B 115 -21.71 -10.93 -12.98
N ASN B 116 -21.70 -11.25 -14.27
CA ASN B 116 -22.70 -10.74 -15.20
C ASN B 116 -23.90 -11.67 -15.14
N ALA B 117 -24.81 -11.39 -14.20
CA ALA B 117 -25.93 -12.29 -13.97
C ALA B 117 -26.80 -12.43 -15.22
N GLU B 118 -27.04 -11.32 -15.92
CA GLU B 118 -27.85 -11.38 -17.13
C GLU B 118 -27.16 -12.22 -18.21
N CYS B 119 -25.85 -12.06 -18.36
CA CYS B 119 -25.12 -12.87 -19.33
C CYS B 119 -25.14 -14.34 -18.93
N VAL B 120 -25.00 -14.63 -17.64
CA VAL B 120 -25.06 -16.01 -17.17
C VAL B 120 -26.42 -16.63 -17.51
N ARG B 121 -27.49 -15.89 -17.24
CA ARG B 121 -28.83 -16.40 -17.53
C ARG B 121 -29.02 -16.59 -19.02
N ALA B 122 -28.56 -15.65 -19.83
CA ALA B 122 -28.71 -15.77 -21.28
C ALA B 122 -27.95 -16.98 -21.80
N LEU B 123 -26.73 -17.21 -21.31
CA LEU B 123 -25.96 -18.36 -21.76
C LEU B 123 -26.62 -19.66 -21.35
N LEU B 124 -27.08 -19.75 -20.09
CA LEU B 124 -27.70 -20.99 -19.63
C LEU B 124 -29.00 -21.27 -20.37
N GLU B 125 -29.75 -20.21 -20.70
CA GLU B 125 -31.02 -20.37 -21.40
C GLU B 125 -30.85 -20.84 -22.83
N SER B 126 -29.63 -20.83 -23.37
CA SER B 126 -29.36 -21.21 -24.75
C SER B 126 -28.60 -22.53 -24.87
N GLY B 127 -28.47 -23.28 -23.78
CA GLY B 127 -27.88 -24.60 -23.84
C GLY B 127 -26.47 -24.71 -23.30
N ALA B 128 -25.96 -23.70 -22.60
CA ALA B 128 -24.62 -23.79 -22.04
C ALA B 128 -24.57 -24.86 -20.95
N SER B 129 -23.42 -25.51 -20.84
CA SER B 129 -23.21 -26.53 -19.82
C SER B 129 -22.97 -25.86 -18.49
N VAL B 130 -23.81 -26.17 -17.50
CA VAL B 130 -23.69 -25.54 -16.19
C VAL B 130 -22.57 -26.14 -15.35
N ASN B 131 -22.09 -27.34 -15.69
CA ASN B 131 -21.04 -28.01 -14.95
C ASN B 131 -19.82 -28.30 -15.83
N ALA B 132 -19.55 -27.42 -16.79
CA ALA B 132 -18.39 -27.62 -17.65
C ALA B 132 -17.10 -27.56 -16.84
N LEU B 133 -16.16 -28.42 -17.18
CA LEU B 133 -14.89 -28.53 -16.48
C LEU B 133 -13.76 -28.03 -17.37
N ASP B 134 -12.91 -27.18 -16.82
CA ASP B 134 -11.73 -26.69 -17.53
C ASP B 134 -10.56 -27.61 -17.22
N TYR B 135 -9.34 -27.21 -17.60
CA TYR B 135 -8.18 -28.07 -17.41
C TYR B 135 -7.92 -28.31 -15.92
N ASN B 136 -8.34 -27.39 -15.06
CA ASN B 136 -8.18 -27.54 -13.63
C ASN B 136 -9.40 -28.20 -12.97
N ASN B 137 -10.37 -28.64 -13.77
CA ASN B 137 -11.62 -29.18 -13.23
C ASN B 137 -12.36 -28.13 -12.41
N ASP B 138 -12.40 -26.90 -12.92
CA ASP B 138 -13.10 -25.80 -12.27
C ASP B 138 -14.40 -25.56 -13.01
N THR B 139 -15.52 -25.70 -12.30
CA THR B 139 -16.82 -25.41 -12.89
C THR B 139 -17.12 -23.93 -12.77
N PRO B 140 -18.09 -23.43 -13.54
CA PRO B 140 -18.46 -22.01 -13.39
C PRO B 140 -18.88 -21.64 -11.99
N LEU B 141 -19.55 -22.55 -11.27
CA LEU B 141 -19.96 -22.25 -9.90
C LEU B 141 -18.74 -22.04 -9.01
N SER B 142 -17.68 -22.80 -9.23
CA SER B 142 -16.46 -22.61 -8.44
C SER B 142 -15.89 -21.22 -8.64
N TRP B 143 -15.86 -20.74 -9.89
CA TRP B 143 -15.37 -19.39 -10.15
C TRP B 143 -16.29 -18.34 -9.54
N ALA B 144 -17.61 -18.56 -9.62
CA ALA B 144 -18.53 -17.60 -9.02
C ALA B 144 -18.34 -17.52 -7.51
N ALA B 145 -18.19 -18.66 -6.86
CA ALA B 145 -18.05 -18.68 -5.40
C ALA B 145 -16.69 -18.17 -4.97
N MET B 146 -15.67 -18.32 -5.82
CA MET B 146 -14.34 -17.81 -5.48
C MET B 146 -14.40 -16.33 -5.10
N LYS B 147 -15.20 -15.55 -5.83
CA LYS B 147 -15.33 -14.12 -5.57
C LYS B 147 -16.60 -13.76 -4.81
N GLY B 148 -17.39 -14.75 -4.39
CA GLY B 148 -18.60 -14.48 -3.66
C GLY B 148 -19.66 -13.73 -4.45
N ASN B 149 -19.89 -14.12 -5.70
CA ASN B 149 -20.88 -13.48 -6.55
C ASN B 149 -22.25 -14.09 -6.28
N LEU B 150 -23.10 -13.35 -5.56
CA LEU B 150 -24.36 -13.91 -5.10
C LEU B 150 -25.32 -14.19 -6.26
N GLU B 151 -25.49 -13.23 -7.15
CA GLU B 151 -26.49 -13.36 -8.21
C GLU B 151 -26.14 -14.50 -9.16
N SER B 152 -24.88 -14.57 -9.57
CA SER B 152 -24.46 -15.64 -10.47
C SER B 152 -24.60 -17.00 -9.80
N VAL B 153 -24.23 -17.08 -8.52
CA VAL B 153 -24.38 -18.35 -7.80
C VAL B 153 -25.85 -18.75 -7.73
N SER B 154 -26.73 -17.79 -7.46
CA SER B 154 -28.15 -18.08 -7.38
C SER B 154 -28.67 -18.62 -8.71
N ILE B 155 -28.30 -17.97 -9.82
CA ILE B 155 -28.77 -18.44 -11.12
C ILE B 155 -28.21 -19.82 -11.44
N LEU B 156 -26.92 -20.02 -11.18
CA LEU B 156 -26.30 -21.31 -11.48
C LEU B 156 -26.96 -22.43 -10.68
N LEU B 157 -27.25 -22.18 -9.41
CA LEU B 157 -27.97 -23.18 -8.62
C LEU B 157 -29.37 -23.39 -9.17
N ASP B 158 -30.05 -22.33 -9.59
CA ASP B 158 -31.36 -22.47 -10.19
C ASP B 158 -31.32 -23.35 -11.43
N TYR B 159 -30.19 -23.39 -12.14
CA TYR B 159 -30.06 -24.21 -13.33
C TYR B 159 -29.41 -25.56 -13.07
N GLY B 160 -29.21 -25.92 -11.80
CA GLY B 160 -28.74 -27.25 -11.45
C GLY B 160 -27.26 -27.40 -11.26
N ALA B 161 -26.53 -26.34 -10.94
CA ALA B 161 -25.10 -26.45 -10.72
C ALA B 161 -24.82 -27.32 -9.51
N GLU B 162 -23.73 -28.09 -9.59
CA GLU B 162 -23.33 -28.99 -8.52
C GLU B 162 -22.44 -28.25 -7.52
N VAL B 163 -22.80 -28.34 -6.25
CA VAL B 163 -21.98 -27.73 -5.20
C VAL B 163 -20.95 -28.72 -4.66
N ARG B 164 -21.23 -30.01 -4.71
CA ARG B 164 -20.30 -31.04 -4.25
C ARG B 164 -19.35 -31.40 -5.37
N VAL B 165 -18.48 -30.44 -5.70
CA VAL B 165 -17.50 -30.59 -6.76
C VAL B 165 -16.15 -30.12 -6.24
N ILE B 166 -15.10 -30.83 -6.62
CA ILE B 166 -13.74 -30.56 -6.17
C ILE B 166 -12.83 -30.48 -7.39
N ASN B 167 -11.95 -29.49 -7.40
CA ASN B 167 -11.02 -29.32 -8.50
C ASN B 167 -9.74 -30.11 -8.24
N LEU B 168 -8.73 -29.91 -9.08
CA LEU B 168 -7.55 -30.76 -9.03
C LEU B 168 -6.74 -30.55 -7.76
N ILE B 169 -6.71 -29.33 -7.23
CA ILE B 169 -5.90 -29.03 -6.06
C ILE B 169 -6.74 -29.12 -4.80
N GLY B 170 -7.91 -29.76 -4.89
CA GLY B 170 -8.70 -30.07 -3.73
C GLY B 170 -9.58 -28.96 -3.21
N GLN B 171 -9.83 -27.93 -4.00
CA GLN B 171 -10.69 -26.83 -3.57
C GLN B 171 -12.12 -27.07 -4.01
N THR B 172 -13.06 -26.58 -3.22
CA THR B 172 -14.48 -26.67 -3.47
C THR B 172 -15.08 -25.28 -3.35
N PRO B 173 -16.24 -25.04 -3.97
CA PRO B 173 -16.82 -23.68 -3.90
C PRO B 173 -16.97 -23.14 -2.50
N ILE B 174 -17.40 -23.97 -1.55
CA ILE B 174 -17.54 -23.52 -0.18
C ILE B 174 -16.17 -23.22 0.42
N SER B 175 -15.17 -24.04 0.10
CA SER B 175 -13.83 -23.80 0.60
C SER B 175 -13.30 -22.46 0.12
N ARG B 176 -13.51 -22.15 -1.16
CA ARG B 176 -13.03 -20.89 -1.72
C ARG B 176 -13.78 -19.70 -1.13
N LEU B 177 -15.09 -19.85 -0.93
CA LEU B 177 -15.83 -18.76 -0.29
C LEU B 177 -15.36 -18.54 1.13
N VAL B 178 -15.08 -19.62 1.86
CA VAL B 178 -14.59 -19.49 3.23
C VAL B 178 -13.20 -18.85 3.25
N ALA B 179 -12.38 -19.19 2.26
CA ALA B 179 -11.07 -18.54 2.15
C ALA B 179 -11.22 -17.05 1.92
N LEU B 180 -12.20 -16.66 1.09
CA LEU B 180 -12.49 -15.24 0.92
C LEU B 180 -12.95 -14.61 2.23
N LEU B 181 -13.82 -15.30 2.97
CA LEU B 181 -14.37 -14.73 4.19
C LEU B 181 -13.31 -14.54 5.27
N VAL B 182 -12.45 -15.54 5.49
CA VAL B 182 -11.45 -15.44 6.55
C VAL B 182 -10.48 -14.29 6.29
N ALA B 183 -10.25 -13.93 5.03
CA ALA B 183 -9.35 -12.84 4.71
C ALA B 183 -9.92 -11.48 5.10
N GLY B 184 -11.19 -11.40 5.50
CA GLY B 184 -11.78 -10.15 5.88
C GLY B 184 -12.28 -9.31 4.73
N LEU B 185 -12.33 -9.86 3.52
CA LEU B 185 -12.76 -9.13 2.34
C LEU B 185 -14.24 -9.34 2.03
N GLY B 186 -14.98 -10.03 2.89
CA GLY B 186 -16.36 -10.36 2.65
C GLY B 186 -17.31 -9.34 3.28
N THR B 187 -18.49 -9.22 2.68
CA THR B 187 -19.54 -8.34 3.18
C THR B 187 -20.83 -9.13 3.35
N GLU B 188 -21.94 -8.44 3.57
CA GLU B 188 -23.23 -9.12 3.70
C GLU B 188 -23.57 -9.95 2.48
N LYS B 189 -23.16 -9.51 1.29
CA LYS B 189 -23.40 -10.31 0.09
C LYS B 189 -22.67 -11.65 0.17
N GLU B 190 -21.43 -11.65 0.65
CA GLU B 190 -20.69 -12.90 0.78
C GLU B 190 -21.33 -13.81 1.81
N ASP B 191 -21.84 -13.24 2.91
CA ASP B 191 -22.53 -14.05 3.90
C ASP B 191 -23.80 -14.68 3.32
N SER B 192 -24.55 -13.91 2.53
CA SER B 192 -25.74 -14.47 1.89
C SER B 192 -25.36 -15.57 0.91
N CYS B 193 -24.26 -15.38 0.17
CA CYS B 193 -23.79 -16.41 -0.74
C CYS B 193 -23.40 -17.67 0.02
N PHE B 194 -22.74 -17.53 1.17
CA PHE B 194 -22.39 -18.68 1.98
C PHE B 194 -23.64 -19.40 2.46
N GLU B 195 -24.64 -18.65 2.90
CA GLU B 195 -25.89 -19.28 3.34
C GLU B 195 -26.53 -20.05 2.19
N LEU B 196 -26.55 -19.46 0.99
CA LEU B 196 -27.13 -20.14 -0.16
C LEU B 196 -26.39 -21.44 -0.46
N LEU B 197 -25.05 -21.38 -0.48
CA LEU B 197 -24.28 -22.58 -0.77
C LEU B 197 -24.45 -23.63 0.31
N HIS B 198 -24.54 -23.22 1.58
CA HIS B 198 -24.74 -24.17 2.66
C HIS B 198 -26.08 -24.87 2.52
N ARG B 199 -27.13 -24.12 2.14
CA ARG B 199 -28.42 -24.75 1.91
C ARG B 199 -28.39 -25.68 0.71
N ALA B 200 -27.64 -25.32 -0.33
CA ALA B 200 -27.60 -26.13 -1.54
C ALA B 200 -26.78 -27.42 -1.36
N VAL B 201 -25.76 -27.40 -0.51
CA VAL B 201 -24.84 -28.53 -0.44
C VAL B 201 -25.40 -29.64 0.44
N GLY B 202 -26.20 -29.31 1.45
CA GLY B 202 -26.69 -30.31 2.38
C GLY B 202 -25.77 -30.48 3.57
N HIS B 203 -24.56 -30.97 3.33
CA HIS B 203 -23.54 -31.10 4.36
C HIS B 203 -22.17 -30.99 3.71
N PHE B 204 -21.25 -30.31 4.39
CA PHE B 204 -19.88 -30.13 3.92
C PHE B 204 -18.91 -30.36 5.06
N GLU B 205 -17.66 -30.63 4.70
CA GLU B 205 -16.60 -30.89 5.66
C GLU B 205 -15.34 -30.18 5.19
N LEU B 206 -14.91 -29.16 5.94
CA LEU B 206 -13.70 -28.42 5.62
C LEU B 206 -12.47 -28.93 6.36
N ARG B 207 -12.61 -29.94 7.21
CA ARG B 207 -11.53 -30.39 8.07
C ARG B 207 -10.78 -31.55 7.40
N LYS B 208 -9.52 -31.30 7.05
CA LYS B 208 -8.61 -32.37 6.68
C LYS B 208 -8.02 -32.98 7.93
N ASN B 209 -7.94 -34.31 7.95
CA ASN B 209 -7.62 -35.06 9.17
C ASN B 209 -8.69 -34.68 10.19
N GLY B 210 -8.38 -33.94 11.24
CA GLY B 210 -9.39 -33.47 12.17
C GLY B 210 -9.22 -32.01 12.52
N THR B 211 -8.48 -31.28 11.69
CA THR B 211 -8.14 -29.89 11.97
C THR B 211 -8.56 -29.01 10.80
N MET B 212 -9.07 -27.82 11.12
CA MET B 212 -9.41 -26.86 10.09
C MET B 212 -8.14 -26.32 9.43
N PRO B 213 -8.25 -25.78 8.21
CA PRO B 213 -7.08 -25.15 7.58
C PRO B 213 -6.45 -24.09 8.45
N ARG B 214 -5.19 -23.74 8.17
CA ARG B 214 -4.45 -22.83 9.05
C ARG B 214 -5.15 -21.48 9.15
N GLU B 215 -5.57 -20.92 8.01
CA GLU B 215 -6.19 -19.59 8.02
C GLU B 215 -7.48 -19.60 8.82
N VAL B 216 -8.30 -20.64 8.66
CA VAL B 216 -9.54 -20.72 9.43
C VAL B 216 -9.23 -20.95 10.91
N ALA B 217 -8.26 -21.80 11.21
CA ALA B 217 -7.97 -22.15 12.60
C ALA B 217 -7.57 -20.94 13.43
N ARG B 218 -6.91 -19.95 12.80
CA ARG B 218 -6.45 -18.78 13.52
C ARG B 218 -7.54 -17.77 13.79
N ASP B 219 -8.75 -17.98 13.27
CA ASP B 219 -9.86 -17.07 13.53
C ASP B 219 -10.82 -17.72 14.52
N PRO B 220 -10.84 -17.30 15.78
CA PRO B 220 -11.66 -18.00 16.78
C PRO B 220 -13.14 -18.04 16.47
N GLN B 221 -13.71 -16.97 15.89
CA GLN B 221 -15.14 -16.91 15.66
C GLN B 221 -15.57 -17.78 14.48
N LEU B 222 -14.98 -17.55 13.32
CA LEU B 222 -15.34 -18.33 12.14
C LEU B 222 -14.94 -19.79 12.31
N CYS B 223 -13.82 -20.06 12.99
CA CYS B 223 -13.45 -21.44 13.25
C CYS B 223 -14.51 -22.14 14.08
N GLU B 224 -14.99 -21.48 15.13
CA GLU B 224 -16.03 -22.07 15.96
C GLU B 224 -17.30 -22.31 15.16
N LYS B 225 -17.73 -21.31 14.38
CA LYS B 225 -18.94 -21.44 13.59
C LYS B 225 -18.84 -22.61 12.61
N LEU B 226 -17.71 -22.70 11.91
CA LEU B 226 -17.56 -23.73 10.89
C LEU B 226 -17.41 -25.11 11.52
N THR B 227 -16.73 -25.21 12.66
CA THR B 227 -16.65 -26.51 13.33
C THR B 227 -18.02 -26.96 13.81
N VAL B 228 -18.82 -26.04 14.34
CA VAL B 228 -20.17 -26.42 14.74
C VAL B 228 -20.98 -26.88 13.53
N LEU B 229 -20.85 -26.19 12.40
CA LEU B 229 -21.58 -26.62 11.20
C LEU B 229 -21.11 -27.98 10.73
N CYS B 230 -19.80 -28.22 10.73
CA CYS B 230 -19.25 -29.46 10.19
C CYS B 230 -19.42 -30.64 11.12
N SER B 231 -19.68 -30.42 12.41
CA SER B 231 -19.89 -31.52 13.35
C SER B 231 -21.35 -31.96 13.42
N ALA B 232 -22.26 -31.26 12.76
CA ALA B 232 -23.67 -31.64 12.77
C ALA B 232 -23.97 -32.55 11.58
N PRO B 233 -24.62 -33.70 11.79
CA PRO B 233 -24.88 -34.60 10.65
C PRO B 233 -25.67 -33.94 9.52
N GLY B 234 -26.62 -33.07 9.85
CA GLY B 234 -27.46 -32.44 8.85
C GLY B 234 -28.90 -32.90 8.95
N THR B 235 -29.83 -31.95 8.95
CA THR B 235 -31.23 -32.29 9.13
C THR B 235 -31.73 -33.15 7.98
N LEU B 236 -32.66 -34.06 8.29
CA LEU B 236 -33.19 -34.96 7.28
C LEU B 236 -33.81 -34.18 6.13
N LYS B 237 -34.44 -33.04 6.42
CA LYS B 237 -35.06 -32.25 5.37
C LYS B 237 -34.03 -31.74 4.37
N THR B 238 -32.87 -31.30 4.85
CA THR B 238 -31.84 -30.80 3.95
C THR B 238 -31.31 -31.91 3.05
N LEU B 239 -31.07 -33.09 3.62
CA LEU B 239 -30.56 -34.19 2.81
C LEU B 239 -31.59 -34.65 1.78
N ALA B 240 -32.86 -34.72 2.18
CA ALA B 240 -33.91 -35.08 1.24
C ALA B 240 -34.02 -34.04 0.13
N ARG B 241 -33.92 -32.76 0.47
CA ARG B 241 -33.95 -31.72 -0.55
C ARG B 241 -32.78 -31.87 -1.51
N TYR B 242 -31.59 -32.16 -0.99
CA TYR B 242 -30.43 -32.36 -1.85
C TYR B 242 -30.66 -33.53 -2.80
N ALA B 243 -31.18 -34.64 -2.29
CA ALA B 243 -31.45 -35.79 -3.14
C ALA B 243 -32.45 -35.44 -4.23
N VAL B 244 -33.53 -34.74 -3.87
CA VAL B 244 -34.55 -34.38 -4.86
C VAL B 244 -33.95 -33.46 -5.92
N ARG B 245 -33.19 -32.46 -5.49
CA ARG B 245 -32.58 -31.54 -6.45
C ARG B 245 -31.62 -32.27 -7.37
N ARG B 246 -30.81 -33.17 -6.84
CA ARG B 246 -29.87 -33.92 -7.66
C ARG B 246 -30.61 -34.77 -8.68
N SER B 247 -31.71 -35.39 -8.27
CA SER B 247 -32.51 -36.17 -9.21
C SER B 247 -33.10 -35.32 -10.32
N LEU B 248 -33.20 -34.00 -10.10
CA LEU B 248 -33.73 -33.06 -11.09
C LEU B 248 -32.64 -32.47 -11.97
N GLY B 249 -31.39 -32.89 -11.81
CA GLY B 249 -30.25 -32.19 -12.36
C GLY B 249 -30.37 -31.71 -13.79
N LEU B 250 -29.74 -30.58 -14.09
CA LEU B 250 -29.64 -30.04 -15.43
C LEU B 250 -31.02 -29.67 -15.98
N GLN B 251 -31.71 -28.81 -15.25
CA GLN B 251 -33.00 -28.28 -15.65
C GLN B 251 -33.17 -26.90 -15.02
N TYR B 252 -34.16 -26.17 -15.50
CA TYR B 252 -34.59 -24.96 -14.82
C TYR B 252 -35.43 -25.40 -13.63
N LEU B 253 -34.77 -25.53 -12.48
CA LEU B 253 -35.41 -26.15 -11.33
C LEU B 253 -36.73 -25.50 -10.92
N PRO B 254 -36.86 -24.17 -10.89
CA PRO B 254 -38.16 -23.60 -10.51
C PRO B 254 -39.30 -24.05 -11.40
N ASP B 255 -39.04 -24.31 -12.68
CA ASP B 255 -40.08 -24.84 -13.55
C ASP B 255 -40.35 -26.32 -13.26
N ALA B 256 -39.29 -27.09 -13.00
CA ALA B 256 -39.47 -28.51 -12.74
C ALA B 256 -40.28 -28.75 -11.47
N VAL B 257 -39.97 -28.00 -10.41
CA VAL B 257 -40.64 -28.23 -9.13
C VAL B 257 -42.12 -27.90 -9.19
N LYS B 258 -42.56 -27.12 -10.18
CA LYS B 258 -43.97 -26.75 -10.27
C LYS B 258 -44.85 -27.96 -10.47
N GLY B 259 -44.35 -28.97 -11.19
CA GLY B 259 -45.13 -30.17 -11.46
C GLY B 259 -45.12 -31.21 -10.38
N LEU B 260 -44.35 -31.02 -9.31
CA LEU B 260 -44.28 -32.01 -8.25
C LEU B 260 -45.50 -31.94 -7.35
N PRO B 261 -45.87 -33.05 -6.69
CA PRO B 261 -47.05 -33.05 -5.82
C PRO B 261 -46.83 -32.41 -4.46
N LEU B 262 -45.73 -31.70 -4.25
CA LEU B 262 -45.46 -31.09 -2.95
C LEU B 262 -46.37 -29.90 -2.70
N PRO B 263 -46.55 -29.52 -1.44
CA PRO B 263 -47.24 -28.26 -1.14
C PRO B 263 -46.41 -27.06 -1.58
N ALA B 264 -46.99 -25.87 -1.44
CA ALA B 264 -46.30 -24.66 -1.84
C ALA B 264 -45.06 -24.41 -0.97
N SER B 265 -45.17 -24.65 0.33
CA SER B 265 -44.05 -24.39 1.23
C SER B 265 -42.86 -25.28 0.88
N LEU B 266 -43.10 -26.55 0.62
CA LEU B 266 -42.00 -27.45 0.26
C LEU B 266 -41.45 -27.13 -1.12
N LYS B 267 -42.30 -26.65 -2.04
CA LYS B 267 -41.80 -26.20 -3.33
C LYS B 267 -40.85 -25.02 -3.16
N GLU B 268 -41.21 -24.06 -2.31
CA GLU B 268 -40.31 -22.95 -2.02
C GLU B 268 -39.03 -23.45 -1.36
N TYR B 269 -39.15 -24.41 -0.45
CA TYR B 269 -37.97 -24.96 0.22
C TYR B 269 -37.02 -25.59 -0.78
N LEU B 270 -37.53 -26.35 -1.74
CA LEU B 270 -36.68 -27.03 -2.70
C LEU B 270 -35.85 -26.07 -3.54
N LEU B 271 -36.26 -24.80 -3.63
CA LEU B 271 -35.54 -23.80 -4.41
C LEU B 271 -34.62 -22.95 -3.54
N LEU B 272 -34.30 -23.40 -2.33
CA LEU B 272 -33.38 -22.72 -1.43
C LEU B 272 -33.90 -21.37 -0.98
N LEU B 273 -35.19 -21.12 -1.08
CA LEU B 273 -35.77 -19.86 -0.63
C LEU B 273 -36.05 -19.84 0.87
N GLU B 274 -35.78 -20.94 1.57
CA GLU B 274 -35.93 -20.97 3.03
C GLU B 274 -35.18 -22.17 3.60
N MET C 2 -38.20 -46.42 28.00
CA MET C 2 -36.92 -46.72 27.36
C MET C 2 -37.07 -46.89 25.86
N TYR C 3 -38.17 -47.48 25.43
CA TYR C 3 -38.44 -47.75 24.02
C TYR C 3 -39.82 -47.23 23.65
N VAL C 4 -39.91 -46.63 22.47
CA VAL C 4 -41.17 -46.16 21.92
C VAL C 4 -41.46 -46.95 20.65
N LYS C 5 -42.74 -47.01 20.30
CA LYS C 5 -43.23 -47.81 19.18
C LYS C 5 -44.00 -46.91 18.23
N LEU C 6 -43.56 -46.86 16.98
CA LEU C 6 -44.19 -46.03 15.96
C LEU C 6 -44.89 -46.95 14.95
N ILE C 7 -46.14 -46.63 14.63
CA ILE C 7 -46.95 -47.43 13.72
C ILE C 7 -46.99 -46.73 12.37
N SER C 8 -46.73 -47.49 11.31
CA SER C 8 -46.82 -46.96 9.96
C SER C 8 -48.28 -46.93 9.50
N SER C 9 -48.49 -46.29 8.35
CA SER C 9 -49.84 -46.22 7.79
C SER C 9 -50.32 -47.60 7.34
N ASP C 10 -49.40 -48.47 6.93
CA ASP C 10 -49.76 -49.80 6.45
C ASP C 10 -49.71 -50.85 7.55
N GLY C 11 -49.46 -50.46 8.79
CA GLY C 11 -49.50 -51.38 9.92
C GLY C 11 -48.14 -51.80 10.44
N HIS C 12 -47.06 -51.48 9.74
CA HIS C 12 -45.73 -51.85 10.21
C HIS C 12 -45.39 -51.11 11.50
N GLU C 13 -44.77 -51.81 12.43
CA GLU C 13 -44.41 -51.26 13.74
C GLU C 13 -42.90 -51.22 13.87
N PHE C 14 -42.37 -50.06 14.25
CA PHE C 14 -40.93 -49.87 14.43
C PHE C 14 -40.70 -49.46 15.88
N ILE C 15 -39.84 -50.21 16.57
CA ILE C 15 -39.54 -49.96 17.97
C ILE C 15 -38.15 -49.35 18.05
N VAL C 16 -38.07 -48.14 18.59
CA VAL C 16 -36.81 -47.39 18.65
C VAL C 16 -36.63 -46.85 20.06
N LYS C 17 -35.37 -46.58 20.42
CA LYS C 17 -35.09 -46.00 21.72
C LYS C 17 -35.72 -44.63 21.84
N ARG C 18 -36.30 -44.35 23.01
CA ARG C 18 -36.96 -43.06 23.21
C ARG C 18 -36.00 -41.90 22.94
N GLU C 19 -34.74 -42.05 23.34
CA GLU C 19 -33.77 -40.99 23.09
C GLU C 19 -33.63 -40.72 21.59
N HIS C 20 -33.57 -41.78 20.78
CA HIS C 20 -33.51 -41.60 19.33
C HIS C 20 -34.80 -40.98 18.81
N ALA C 21 -35.94 -41.45 19.28
CA ALA C 21 -37.22 -40.96 18.77
C ALA C 21 -37.41 -39.48 19.06
N LEU C 22 -36.93 -39.01 20.21
CA LEU C 22 -37.08 -37.60 20.55
C LEU C 22 -36.27 -36.68 19.64
N THR C 23 -35.45 -37.24 18.75
CA THR C 23 -34.78 -36.40 17.76
C THR C 23 -35.77 -35.61 16.93
N SER C 24 -37.00 -36.12 16.78
CA SER C 24 -38.03 -35.45 16.01
C SER C 24 -38.84 -34.55 16.95
N GLY C 25 -38.90 -33.26 16.61
CA GLY C 25 -39.66 -32.34 17.44
C GLY C 25 -41.12 -32.72 17.55
N THR C 26 -41.71 -33.19 16.45
CA THR C 26 -43.11 -33.61 16.49
C THR C 26 -43.30 -34.76 17.46
N ILE C 27 -42.40 -35.74 17.45
CA ILE C 27 -42.50 -36.86 18.37
C ILE C 27 -42.38 -36.39 19.81
N LYS C 28 -41.40 -35.51 20.08
CA LYS C 28 -41.21 -35.02 21.43
C LYS C 28 -42.44 -34.28 21.93
N ALA C 29 -43.01 -33.41 21.09
CA ALA C 29 -44.22 -32.69 21.49
C ALA C 29 -45.38 -33.64 21.71
N MET C 30 -45.53 -34.63 20.84
CA MET C 30 -46.63 -35.58 20.93
C MET C 30 -46.41 -36.65 21.99
N LEU C 31 -45.22 -36.74 22.57
CA LEU C 31 -44.92 -37.77 23.53
C LEU C 31 -43.88 -37.28 24.54
N ASN C 43 -46.51 -43.96 25.14
CA ASN C 43 -45.45 -44.91 24.83
C ASN C 43 -45.66 -45.53 23.46
N GLU C 44 -46.42 -44.84 22.61
CA GLU C 44 -46.68 -45.31 21.26
C GLU C 44 -47.21 -44.15 20.44
N VAL C 45 -46.82 -44.13 19.16
CA VAL C 45 -47.24 -43.10 18.22
C VAL C 45 -47.76 -43.77 16.97
N ASN C 46 -48.69 -43.10 16.29
CA ASN C 46 -49.33 -43.63 15.09
C ASN C 46 -49.32 -42.57 14.00
N PHE C 47 -49.00 -43.01 12.77
CA PHE C 47 -49.00 -42.14 11.61
C PHE C 47 -49.94 -42.71 10.56
N ARG C 48 -50.79 -41.86 10.00
CA ARG C 48 -51.77 -42.28 9.02
C ARG C 48 -51.35 -41.99 7.59
N GLU C 49 -50.19 -41.36 7.38
CA GLU C 49 -49.75 -40.97 6.05
C GLU C 49 -48.31 -41.32 5.72
N ILE C 50 -47.56 -41.90 6.65
CA ILE C 50 -46.16 -42.25 6.42
C ILE C 50 -46.10 -43.74 6.10
N PRO C 51 -45.75 -44.14 4.87
CA PRO C 51 -45.64 -45.57 4.57
C PRO C 51 -44.42 -46.19 5.22
N SER C 52 -44.43 -47.52 5.28
CA SER C 52 -43.40 -48.25 6.00
C SER C 52 -42.02 -48.00 5.40
N HIS C 53 -41.93 -47.98 4.07
CA HIS C 53 -40.64 -47.79 3.42
C HIS C 53 -40.05 -46.41 3.66
N VAL C 54 -40.83 -45.47 4.18
CA VAL C 54 -40.33 -44.16 4.57
C VAL C 54 -40.07 -44.09 6.07
N LEU C 55 -40.93 -44.72 6.87
CA LEU C 55 -40.73 -44.71 8.31
C LEU C 55 -39.47 -45.48 8.70
N SER C 56 -39.17 -46.57 7.99
CA SER C 56 -37.93 -47.28 8.26
C SER C 56 -36.72 -46.39 8.01
N LYS C 57 -36.73 -45.63 6.92
CA LYS C 57 -35.64 -44.70 6.65
C LYS C 57 -35.58 -43.60 7.70
N VAL C 58 -36.74 -43.16 8.20
CA VAL C 58 -36.75 -42.15 9.25
C VAL C 58 -36.09 -42.68 10.51
N CYS C 59 -36.40 -43.92 10.88
CA CYS C 59 -35.76 -44.52 12.05
C CYS C 59 -34.25 -44.68 11.83
N MET C 60 -33.87 -45.10 10.63
CA MET C 60 -32.45 -45.15 10.30
C MET C 60 -31.79 -43.78 10.49
N TYR C 61 -32.48 -42.72 10.09
CA TYR C 61 -31.93 -41.38 10.28
C TYR C 61 -31.84 -41.02 11.75
N PHE C 62 -32.82 -41.42 12.56
CA PHE C 62 -32.71 -41.18 14.00
C PHE C 62 -31.44 -41.79 14.54
N THR C 63 -31.20 -43.07 14.22
CA THR C 63 -29.98 -43.72 14.69
C THR C 63 -28.73 -43.02 14.16
N TYR C 64 -28.74 -42.66 12.88
CA TYR C 64 -27.57 -42.03 12.27
C TYR C 64 -27.27 -40.69 12.91
N LYS C 65 -28.30 -39.89 13.16
CA LYS C 65 -28.11 -38.58 13.79
C LYS C 65 -27.60 -38.73 15.21
N VAL C 66 -28.16 -39.67 15.98
CA VAL C 66 -27.70 -39.83 17.35
C VAL C 66 -26.24 -40.28 17.38
N ARG C 67 -25.87 -41.20 16.48
CA ARG C 67 -24.51 -41.72 16.48
C ARG C 67 -23.49 -40.62 16.18
N TYR C 68 -23.77 -39.80 15.17
CA TYR C 68 -22.78 -38.89 14.61
C TYR C 68 -22.94 -37.46 15.11
N THR C 69 -23.69 -37.24 16.18
CA THR C 69 -23.84 -35.90 16.73
C THR C 69 -22.51 -35.42 17.32
N ASN C 70 -22.10 -34.21 16.94
CA ASN C 70 -20.88 -33.60 17.46
C ASN C 70 -19.68 -34.50 17.24
N SER C 71 -19.60 -35.11 16.06
CA SER C 71 -18.50 -36.01 15.75
C SER C 71 -17.26 -35.24 15.35
N SER C 72 -16.10 -35.79 15.71
CA SER C 72 -14.82 -35.19 15.35
C SER C 72 -14.31 -35.69 14.01
N THR C 73 -14.72 -36.89 13.59
CA THR C 73 -14.35 -37.43 12.30
C THR C 73 -15.40 -37.08 11.25
N GLU C 74 -15.06 -37.33 9.99
CA GLU C 74 -15.97 -37.02 8.90
C GLU C 74 -17.24 -37.86 9.02
N ILE C 75 -18.38 -37.23 8.80
CA ILE C 75 -19.68 -37.88 8.92
C ILE C 75 -20.01 -38.52 7.56
N PRO C 76 -20.24 -39.82 7.50
CA PRO C 76 -20.54 -40.45 6.21
C PRO C 76 -21.87 -39.98 5.64
N GLU C 77 -21.98 -40.05 4.32
CA GLU C 77 -23.18 -39.61 3.64
C GLU C 77 -24.36 -40.51 3.99
N PHE C 78 -25.54 -39.89 4.10
CA PHE C 78 -26.77 -40.63 4.35
C PHE C 78 -27.40 -41.04 3.03
N PRO C 79 -27.56 -42.34 2.75
CA PRO C 79 -28.03 -42.76 1.43
C PRO C 79 -29.53 -42.58 1.28
N ILE C 80 -29.94 -41.82 0.27
CA ILE C 80 -31.35 -41.62 -0.06
C ILE C 80 -31.53 -41.95 -1.53
N ALA C 81 -32.34 -42.95 -1.82
CA ALA C 81 -32.63 -43.29 -3.21
C ALA C 81 -33.58 -42.26 -3.81
N PRO C 82 -33.47 -41.99 -5.12
CA PRO C 82 -34.36 -40.99 -5.72
C PRO C 82 -35.83 -41.34 -5.60
N GLU C 83 -36.18 -42.63 -5.55
CA GLU C 83 -37.59 -43.01 -5.51
C GLU C 83 -38.27 -42.51 -4.25
N ILE C 84 -37.59 -42.61 -3.10
CA ILE C 84 -38.20 -42.23 -1.83
C ILE C 84 -37.85 -40.81 -1.40
N ALA C 85 -37.05 -40.10 -2.20
CA ALA C 85 -36.59 -38.77 -1.79
C ALA C 85 -37.77 -37.82 -1.57
N LEU C 86 -38.74 -37.85 -2.47
CA LEU C 86 -39.89 -36.95 -2.36
C LEU C 86 -40.72 -37.26 -1.12
N GLU C 87 -41.08 -38.54 -0.94
CA GLU C 87 -41.86 -38.93 0.22
C GLU C 87 -41.07 -38.71 1.50
N LEU C 88 -39.76 -38.97 1.46
CA LEU C 88 -38.93 -38.73 2.63
C LEU C 88 -38.90 -37.24 3.00
N LEU C 89 -38.83 -36.37 1.99
CA LEU C 89 -38.88 -34.94 2.26
C LEU C 89 -40.21 -34.54 2.86
N MET C 90 -41.31 -35.08 2.33
CA MET C 90 -42.62 -34.78 2.90
C MET C 90 -42.70 -35.23 4.35
N ALA C 91 -42.21 -36.44 4.65
CA ALA C 91 -42.25 -36.94 6.02
C ALA C 91 -41.39 -36.08 6.94
N ALA C 92 -40.20 -35.70 6.48
CA ALA C 92 -39.35 -34.85 7.30
C ALA C 92 -40.02 -33.51 7.57
N ASN C 93 -40.74 -32.98 6.58
CA ASN C 93 -41.50 -31.75 6.82
C ASN C 93 -42.58 -31.97 7.86
N PHE C 94 -43.31 -33.08 7.77
CA PHE C 94 -44.34 -33.36 8.76
C PHE C 94 -43.75 -33.45 10.16
N LEU C 95 -42.70 -34.25 10.31
CA LEU C 95 -41.94 -34.27 11.55
C LEU C 95 -41.09 -33.01 11.60
N ASP C 96 -40.24 -32.90 12.62
CA ASP C 96 -39.28 -31.80 12.73
C ASP C 96 -37.90 -32.45 12.72
N CYS C 97 -37.40 -32.76 11.53
CA CYS C 97 -36.13 -33.46 11.37
C CYS C 97 -35.27 -32.77 10.32
N MET D 1 -16.37 -52.01 15.69
CA MET D 1 -16.58 -51.91 17.16
C MET D 1 -18.05 -52.18 17.51
N ASP D 2 -18.93 -51.34 16.99
CA ASP D 2 -20.37 -51.44 17.24
C ASP D 2 -21.08 -51.80 15.95
N VAL D 3 -22.07 -52.69 16.06
CA VAL D 3 -22.83 -53.17 14.91
C VAL D 3 -24.30 -52.84 15.16
N PHE D 4 -24.95 -52.24 14.16
CA PHE D 4 -26.33 -51.79 14.27
C PHE D 4 -27.24 -52.75 13.52
N LEU D 5 -28.28 -53.23 14.21
CA LEU D 5 -29.13 -54.29 13.71
C LEU D 5 -30.59 -53.83 13.65
N MET D 6 -31.34 -54.48 12.77
CA MET D 6 -32.76 -54.23 12.57
C MET D 6 -33.44 -55.59 12.67
N ILE D 7 -33.80 -56.00 13.89
CA ILE D 7 -34.47 -57.28 14.09
C ILE D 7 -35.87 -57.19 13.54
N ARG D 8 -36.29 -58.22 12.80
CA ARG D 8 -37.57 -58.18 12.09
C ARG D 8 -38.35 -59.45 12.32
N ARG D 9 -39.68 -59.31 12.42
CA ARG D 9 -40.58 -60.46 12.52
C ARG D 9 -41.97 -60.01 12.12
N HIS D 10 -42.50 -60.56 11.04
CA HIS D 10 -43.81 -60.18 10.52
C HIS D 10 -43.79 -58.68 10.27
N LYS D 11 -44.65 -57.88 10.90
CA LYS D 11 -44.67 -56.44 10.72
C LYS D 11 -43.85 -55.71 11.78
N THR D 12 -43.31 -56.41 12.76
CA THR D 12 -42.57 -55.80 13.86
C THR D 12 -41.10 -55.63 13.49
N THR D 13 -40.56 -54.47 13.83
CA THR D 13 -39.15 -54.15 13.58
C THR D 13 -38.57 -53.45 14.79
N ILE D 14 -37.39 -53.89 15.21
CA ILE D 14 -36.69 -53.34 16.37
C ILE D 14 -35.33 -52.85 15.91
N PHE D 15 -35.07 -51.57 16.08
CA PHE D 15 -33.75 -51.00 15.77
C PHE D 15 -32.91 -51.03 17.03
N THR D 16 -31.73 -51.65 16.96
CA THR D 16 -30.86 -51.75 18.12
C THR D 16 -29.42 -51.80 17.67
N ASP D 17 -28.52 -51.94 18.63
CA ASP D 17 -27.10 -52.06 18.34
C ASP D 17 -26.44 -52.90 19.43
N ALA D 18 -25.27 -53.45 19.09
CA ALA D 18 -24.57 -54.29 20.03
C ALA D 18 -23.09 -54.33 19.66
N LYS D 19 -22.26 -54.70 20.63
CA LYS D 19 -20.84 -54.87 20.36
C LYS D 19 -20.63 -56.10 19.48
N GLU D 20 -19.59 -56.03 18.64
CA GLU D 20 -19.28 -57.17 17.78
C GLU D 20 -18.96 -58.41 18.60
N SER D 21 -18.29 -58.23 19.75
CA SER D 21 -17.93 -59.35 20.60
C SER D 21 -19.11 -59.90 21.39
N SER D 22 -20.24 -59.21 21.41
CA SER D 22 -21.39 -59.69 22.16
C SER D 22 -21.91 -60.99 21.58
N THR D 23 -22.49 -61.83 22.44
CA THR D 23 -23.01 -63.12 22.01
C THR D 23 -24.50 -63.00 21.65
N VAL D 24 -24.97 -63.99 20.90
CA VAL D 24 -26.38 -64.01 20.51
C VAL D 24 -27.30 -64.10 21.72
N PHE D 25 -26.82 -64.64 22.83
CA PHE D 25 -27.65 -64.74 24.03
C PHE D 25 -28.04 -63.36 24.54
N GLU D 26 -27.11 -62.40 24.52
CA GLU D 26 -27.46 -61.05 24.95
C GLU D 26 -28.45 -60.41 23.98
N LEU D 27 -28.34 -60.68 22.69
CA LEU D 27 -29.32 -60.15 21.75
C LEU D 27 -30.70 -60.73 22.03
N LYS D 28 -30.77 -62.03 22.34
CA LYS D 28 -32.05 -62.62 22.72
C LYS D 28 -32.56 -62.04 24.03
N ARG D 29 -31.67 -61.70 24.95
CA ARG D 29 -32.09 -61.03 26.17
C ARG D 29 -32.70 -59.67 25.87
N ILE D 30 -32.11 -58.91 24.94
CA ILE D 30 -32.68 -57.64 24.53
C ILE D 30 -34.06 -57.86 23.91
N VAL D 31 -34.17 -58.88 23.06
CA VAL D 31 -35.46 -59.17 22.45
C VAL D 31 -36.50 -59.51 23.51
N GLU D 32 -36.09 -60.21 24.56
CA GLU D 32 -36.98 -60.42 25.71
C GLU D 32 -37.40 -59.09 26.31
N GLY D 33 -36.42 -58.24 26.63
CA GLY D 33 -36.72 -56.98 27.26
C GLY D 33 -37.68 -56.14 26.45
N ILE D 34 -37.67 -56.31 25.13
CA ILE D 34 -38.58 -55.56 24.28
C ILE D 34 -39.94 -56.23 24.20
N LEU D 35 -39.98 -57.45 23.68
CA LEU D 35 -41.23 -58.16 23.40
C LEU D 35 -41.65 -59.12 24.51
N LYS D 36 -40.85 -59.26 25.57
CA LYS D 36 -41.21 -60.07 26.73
C LYS D 36 -41.45 -61.53 26.33
N ARG D 37 -40.43 -62.16 25.75
CA ARG D 37 -40.46 -63.57 25.41
C ARG D 37 -39.21 -64.24 25.94
N PRO D 38 -39.31 -65.39 26.60
CA PRO D 38 -38.10 -66.08 27.08
C PRO D 38 -37.16 -66.39 25.94
N PRO D 39 -35.85 -66.31 26.16
CA PRO D 39 -34.92 -66.69 25.09
C PRO D 39 -35.08 -68.13 24.63
N ASP D 40 -35.57 -69.01 25.51
CA ASP D 40 -35.71 -70.42 25.14
C ASP D 40 -36.70 -70.61 24.00
N GLU D 41 -37.58 -69.64 23.77
CA GLU D 41 -38.56 -69.70 22.69
C GLU D 41 -38.30 -68.65 21.62
N GLN D 42 -37.03 -68.32 21.39
CA GLN D 42 -36.63 -67.40 20.35
C GLN D 42 -35.51 -68.02 19.53
N ARG D 43 -35.48 -67.70 18.24
CA ARG D 43 -34.37 -68.09 17.40
C ARG D 43 -34.17 -67.05 16.31
N LEU D 44 -32.91 -66.69 16.07
CA LEU D 44 -32.54 -65.64 15.14
C LEU D 44 -31.96 -66.24 13.87
N TYR D 45 -32.22 -65.55 12.76
CA TYR D 45 -31.78 -65.98 11.44
C TYR D 45 -31.02 -64.85 10.76
N LYS D 46 -29.90 -65.19 10.13
CA LYS D 46 -29.17 -64.28 9.26
C LYS D 46 -29.25 -64.84 7.84
N ASP D 47 -30.10 -64.25 7.02
CA ASP D 47 -30.31 -64.71 5.65
C ASP D 47 -30.74 -66.18 5.63
N ASP D 48 -31.90 -66.43 6.24
CA ASP D 48 -32.52 -67.75 6.29
C ASP D 48 -31.59 -68.84 6.83
N GLN D 49 -30.54 -68.44 7.55
CA GLN D 49 -29.59 -69.37 8.14
C GLN D 49 -29.69 -69.26 9.66
N LEU D 50 -29.97 -70.39 10.31
CA LEU D 50 -30.13 -70.39 11.76
C LEU D 50 -28.80 -70.04 12.43
N LEU D 51 -28.89 -69.34 13.55
CA LEU D 51 -27.72 -68.90 14.31
C LEU D 51 -27.67 -69.63 15.64
N ASP D 52 -26.55 -70.27 15.93
CA ASP D 52 -26.37 -70.93 17.22
C ASP D 52 -26.13 -69.88 18.29
N ASP D 53 -26.80 -70.04 19.43
CA ASP D 53 -26.77 -69.02 20.47
C ASP D 53 -25.36 -68.78 20.99
N GLY D 54 -24.51 -69.81 20.97
CA GLY D 54 -23.17 -69.66 21.53
C GLY D 54 -22.27 -68.77 20.71
N LYS D 55 -22.52 -68.68 19.40
CA LYS D 55 -21.63 -67.90 18.54
C LYS D 55 -21.65 -66.44 18.94
N THR D 56 -20.46 -65.84 18.99
CA THR D 56 -20.36 -64.42 19.19
C THR D 56 -20.82 -63.68 17.93
N LEU D 57 -21.40 -62.49 18.14
CA LEU D 57 -21.98 -61.76 17.03
C LEU D 57 -20.93 -61.40 15.98
N GLY D 58 -19.70 -61.12 16.41
CA GLY D 58 -18.67 -60.73 15.47
C GLY D 58 -18.31 -61.84 14.50
N GLU D 59 -18.15 -63.05 15.00
CA GLU D 59 -17.74 -64.17 14.15
C GLU D 59 -18.80 -64.49 13.10
N CYS D 60 -20.05 -64.09 13.31
CA CYS D 60 -21.06 -64.23 12.29
C CYS D 60 -20.81 -63.21 11.18
N GLY D 61 -21.72 -63.18 10.21
CA GLY D 61 -21.54 -62.29 9.08
C GLY D 61 -21.63 -60.81 9.41
N PHE D 62 -22.08 -60.47 10.62
CA PHE D 62 -22.21 -59.07 10.99
C PHE D 62 -20.85 -58.45 11.25
N THR D 63 -20.59 -57.29 10.67
CA THR D 63 -19.37 -56.55 10.89
C THR D 63 -19.69 -55.07 10.91
N SER D 64 -18.81 -54.29 11.56
CA SER D 64 -19.05 -52.86 11.68
C SER D 64 -19.15 -52.19 10.31
N GLN D 65 -18.27 -52.58 9.39
CA GLN D 65 -18.31 -51.98 8.06
C GLN D 65 -19.59 -52.34 7.31
N THR D 66 -20.07 -53.57 7.48
CA THR D 66 -21.26 -54.00 6.76
C THR D 66 -22.52 -53.37 7.32
N ALA D 67 -22.64 -53.31 8.65
CA ALA D 67 -23.85 -52.81 9.31
C ALA D 67 -23.53 -51.47 9.95
N ARG D 68 -24.06 -50.40 9.39
CA ARG D 68 -23.85 -49.04 9.84
C ARG D 68 -25.17 -48.43 10.32
N PRO D 69 -25.10 -47.31 11.05
CA PRO D 69 -26.35 -46.69 11.53
C PRO D 69 -27.31 -46.36 10.40
N GLN D 70 -26.80 -45.93 9.24
CA GLN D 70 -27.63 -45.58 8.10
C GLN D 70 -27.99 -46.77 7.23
N ALA D 71 -27.47 -47.96 7.54
CA ALA D 71 -27.76 -49.17 6.77
C ALA D 71 -27.63 -50.38 7.68
N PRO D 72 -28.60 -50.57 8.59
CA PRO D 72 -28.52 -51.69 9.52
C PRO D 72 -28.65 -53.03 8.81
N ALA D 73 -28.13 -54.06 9.46
CA ALA D 73 -28.19 -55.42 8.94
C ALA D 73 -29.42 -56.14 9.51
N THR D 74 -30.25 -56.68 8.62
CA THR D 74 -31.46 -57.35 9.04
C THR D 74 -31.16 -58.63 9.80
N VAL D 75 -32.02 -58.96 10.75
CA VAL D 75 -31.90 -60.18 11.56
C VAL D 75 -33.29 -60.73 11.77
N GLY D 76 -33.64 -61.80 11.07
CA GLY D 76 -34.95 -62.38 11.22
C GLY D 76 -35.12 -63.01 12.60
N LEU D 77 -36.36 -63.02 13.08
CA LEU D 77 -36.69 -63.52 14.40
C LEU D 77 -37.85 -64.49 14.30
N ALA D 78 -37.81 -65.55 15.11
CA ALA D 78 -38.89 -66.52 15.15
C ALA D 78 -39.16 -66.93 16.59
N PHE D 79 -40.43 -67.03 16.95
CA PHE D 79 -40.86 -67.42 18.28
C PHE D 79 -41.27 -68.89 18.31
N ARG D 80 -41.46 -69.41 19.52
CA ARG D 80 -41.96 -70.76 19.72
C ARG D 80 -43.42 -70.68 20.14
N ALA D 81 -44.28 -71.39 19.41
CA ALA D 81 -45.71 -71.44 19.70
C ALA D 81 -46.15 -72.89 19.80
N ASP D 82 -47.01 -73.17 20.78
CA ASP D 82 -47.55 -74.51 21.02
C ASP D 82 -46.45 -75.56 20.92
N ASP D 83 -45.35 -75.30 21.61
CA ASP D 83 -44.21 -76.22 21.65
C ASP D 83 -43.63 -76.45 20.26
N THR D 84 -43.71 -75.44 19.40
CA THR D 84 -43.16 -75.53 18.05
C THR D 84 -42.73 -74.14 17.59
N PHE D 85 -41.84 -74.12 16.62
CA PHE D 85 -41.30 -72.86 16.10
C PHE D 85 -41.97 -72.52 14.78
N GLU D 86 -42.44 -71.28 14.67
CA GLU D 86 -43.06 -70.82 13.44
C GLU D 86 -42.01 -70.62 12.35
N ALA D 87 -42.46 -70.68 11.11
CA ALA D 87 -41.57 -70.43 9.98
C ALA D 87 -41.20 -68.96 9.92
N LEU D 88 -39.96 -68.69 9.56
CA LEU D 88 -39.50 -67.30 9.45
C LEU D 88 -40.35 -66.54 8.44
N CYS D 89 -41.03 -65.50 8.92
CA CYS D 89 -41.88 -64.67 8.08
C CYS D 89 -41.49 -63.21 8.27
N ILE D 90 -41.13 -62.54 7.18
CA ILE D 90 -40.77 -61.13 7.19
C ILE D 90 -41.62 -60.44 6.13
N GLU D 91 -42.42 -59.46 6.54
CA GLU D 91 -43.30 -58.75 5.63
C GLU D 91 -42.54 -57.63 4.95
N PRO D 92 -42.40 -57.63 3.63
CA PRO D 92 -41.67 -56.54 2.97
C PRO D 92 -42.36 -55.21 3.16
N PHE D 93 -41.56 -54.14 3.16
CA PHE D 93 -42.10 -52.80 3.27
C PHE D 93 -42.85 -52.42 2.00
N SER D 94 -43.72 -51.43 2.13
CA SER D 94 -44.53 -50.99 0.99
C SER D 94 -43.62 -50.49 -0.13
N SER D 95 -43.99 -50.82 -1.36
CA SER D 95 -43.19 -50.40 -2.51
C SER D 95 -43.38 -48.91 -2.75
N PRO D 96 -42.31 -48.19 -3.14
CA PRO D 96 -42.45 -46.76 -3.38
C PRO D 96 -43.23 -46.50 -4.65
N PRO D 97 -43.88 -45.35 -4.78
CA PRO D 97 -44.61 -45.04 -6.00
C PRO D 97 -43.67 -44.81 -7.18
N GLU D 98 -44.22 -44.96 -8.37
CA GLU D 98 -43.43 -44.79 -9.59
C GLU D 98 -42.81 -43.40 -9.63
N LEU D 99 -41.55 -43.33 -10.06
CA LEU D 99 -40.84 -42.07 -10.10
C LEU D 99 -41.50 -41.14 -11.11
N PRO D 100 -41.75 -39.88 -10.76
CA PRO D 100 -42.34 -38.96 -11.74
C PRO D 100 -41.39 -38.70 -12.91
N ASP D 101 -41.99 -38.39 -14.06
CA ASP D 101 -41.20 -38.21 -15.27
C ASP D 101 -40.10 -37.17 -15.09
N VAL D 102 -40.39 -36.10 -14.32
CA VAL D 102 -39.42 -35.02 -14.18
C VAL D 102 -38.17 -35.50 -13.47
N MET D 103 -38.32 -36.41 -12.50
CA MET D 103 -37.22 -36.88 -11.69
C MET D 103 -36.44 -38.03 -12.33
N LYS D 104 -36.88 -38.51 -13.50
CA LYS D 104 -36.19 -39.62 -14.13
C LYS D 104 -34.87 -39.16 -14.74
N PRO D 105 -33.91 -40.07 -14.93
CA PRO D 105 -32.65 -39.69 -15.58
C PRO D 105 -32.90 -39.19 -17.00
N GLN D 106 -32.10 -38.22 -17.40
CA GLN D 106 -32.21 -37.63 -18.74
C GLN D 106 -31.75 -38.62 -19.80
C10 V6A E . 0.59 -13.86 -3.71
C11 V6A E . -0.86 -15.81 -4.16
C12 V6A E . -2.27 -16.25 -3.79
C13 V6A E . -2.27 -16.81 -2.36
C14 V6A E . -5.84 -16.05 -1.41
C15 V6A E . -5.59 -15.58 -0.12
C16 V6A E . -7.83 -15.19 0.15
C17 V6A E . -8.08 -15.65 -1.13
C01 V6A E . -0.42 -9.99 0.28
C02 V6A E . -1.61 -10.16 0.98
C03 V6A E . -2.43 -11.23 0.67
C04 V6A E . -2.08 -12.12 -0.32
C05 V6A E . -0.89 -11.94 -1.02
C06 V6A E . -0.07 -10.88 -0.71
C07 V6A E . 0.50 -8.81 0.62
C08 V6A E . -3.74 -11.42 1.44
C09 V6A E . -0.49 -12.92 -2.11
F01 V6A E . -0.26 -7.78 1.09
F02 V6A E . 1.17 -8.43 -0.50
F03 V6A E . 1.38 -9.20 1.57
F04 V6A E . -3.66 -10.78 2.64
F05 V6A E . -4.76 -10.88 0.72
F06 V6A E . -3.96 -12.75 1.63
N01 V6A E . 0.59 -12.83 -2.89
N02 V6A E . -0.47 -14.59 -3.47
N03 V6A E . -1.16 -13.99 -2.47
N04 V6A E . -3.53 -16.92 -1.63
N05 V6A E . -4.73 -16.51 -2.23
N06 V6A E . -6.60 -15.16 0.63
N07 V6A E . -7.07 -16.08 -1.88
O01 V6A E . -1.26 -17.15 -1.85
H1 V6A E . 1.35 -14.08 -4.46
H2 V6A E . -0.14 -16.60 -3.94
H4 V6A E . -2.61 -17.01 -4.48
H5 V6A E . -2.94 -15.39 -3.84
H6 V6A E . -4.59 -15.56 0.26
H7 V6A E . -8.66 -14.85 0.77
H8 V6A E . -9.08 -15.68 -1.51
H9 V6A E . -1.88 -9.46 1.76
H10 V6A E . -2.72 -12.95 -0.56
H11 V6A E . 0.86 -10.74 -1.25
H12 V6A E . -3.54 -17.29 -0.70
H13 V6A E . -4.83 -16.53 -3.22
#